data_5EMM
#
_entry.id   5EMM
#
_cell.length_a   103.530
_cell.length_b   138.180
_cell.length_c   179.210
_cell.angle_alpha   90.000
_cell.angle_beta   90.000
_cell.angle_gamma   90.000
#
_symmetry.space_group_name_H-M   'I 2 2 2'
#
loop_
_entity.id
_entity.type
_entity.pdbx_description
1 polymer 'Protein arginine N-methyltransferase 5'
2 polymer 'Methylosome protein 50'
3 non-polymer SINEFUNGIN
4 non-polymer ~{N}-[(2~{S})-3-(3,4-dihydro-1~{H}-isoquinolin-2-yl)-2-oxidanyl-propyl]-3-(oxan-4-ylamino)benzamide
5 non-polymer GLYCEROL
6 water water
#
loop_
_entity_poly.entity_id
_entity_poly.type
_entity_poly.pdbx_seq_one_letter_code
_entity_poly.pdbx_strand_id
1 'polypeptide(L)'
;MDYKDDDDKAAMAVGGAGGSRVSSGRDLNCVPEIADTLGAVAKQGFDFLCMPVFHPRFKREFIQEPAKNRPGPQTRSDLL
LSGRDWNTLIVGKLSPWIRPDSKVEKIRRNSEAAMLQELNFGAYLGLPAFLLPLNQEDNTNLARVLTNHIHTGHHSSMFW
MRVPLVAPEDLRDDIIENAPTTHTEEYSGEEKTWMWWHNFRTLCDYSKRIAVALEIGADLPSNHVIDRWLGEPIKAAILP
TSIFLTNKKGFPVLSKMHQRLIFRLLKLEVQFIITGTNHHSEKEFCSYLQYLEYLSQNRPPPNAYELFAKGYEDYLQSPL
QPLMDNLESQTYEVFEKDPIKYSQYQQAIYKCLLDRVPEEEKDTNVQVLMVLGAGRGPLVNASLRAAKQADRRIKLYAVE
KNPNAVVTLENWQFEEWGSQVTVVSSDMREWVAPEKADIIVSELLGSFADNELSPECLDGAQHFLKDDGVSIPGEYTSFL
APISSSKLYNEVRACREKDRDPEAQFEMPYVVRLHNFHQLSAPQPCFTFSHPNRDPMIDNNRYCTLEFPVEVNTVLHGFA
GYFETVLYQDITLSIRPETHSPGMFSWFPILFPIKQPITVREGQTICVRFWRCSNSKKVWYEWAVTAPVCSAIHNPTGRS
YTIGL
;
A
2 'polypeptide(L)'
;MHHHHHHHHRKETPPPLVPPAAREWNLPPNAPACMERQLEAARYRSDGALLLGASSLSGRCWAGSLWLFKDPCAAPNEGF
CSAGVQTEAGVADLTWVGERGILVASDSGAVELWELDENETLIVSKFCKYEHDDIVSTVSVLSSGTQAVSGSKDICIKVW
DLAQQVVLSSYRAHAAQVTCVAASPHKDSVFLSCSEDNRILLWDTRCPKPASQIGCSAPGYLPTSLAWHPQQSEVFVFGD
ENGTVSLVDTKSTSCVLSSAVHSQCVTGLVFSPHSVPFLASLSEDCSLAVLDSSLSELFRSQAHRDFVRDATWSPLNHSL
LTTVGWDHQVVHHVVPTEPLPAPGPASVTE
;
B
#
loop_
_chem_comp.id
_chem_comp.type
_chem_comp.name
_chem_comp.formula
5QL non-polymer ~{N}-[(2~{S})-3-(3,4-dihydro-1~{H}-isoquinolin-2-yl)-2-oxidanyl-propyl]-3-(oxan-4-ylamino)benzamide 'C24 H31 N3 O3'
GOL non-polymer GLYCEROL 'C3 H8 O3'
SFG non-polymer SINEFUNGIN 'C15 H23 N7 O5'
#
# COMPACT_ATOMS: atom_id res chain seq x y z
N ARG A 21 11.27 14.57 10.30
CA ARG A 21 11.71 14.31 8.90
C ARG A 21 11.26 12.94 8.39
N VAL A 22 10.65 12.95 7.22
CA VAL A 22 10.18 11.73 6.61
C VAL A 22 10.77 11.59 5.20
N SER A 23 10.75 10.34 4.69
CA SER A 23 11.14 10.02 3.34
C SER A 23 9.87 10.05 2.49
N SER A 24 9.90 10.79 1.39
CA SER A 24 8.73 10.93 0.54
C SER A 24 9.05 11.14 -0.95
N GLY A 25 8.18 10.61 -1.80
CA GLY A 25 8.40 10.67 -3.25
C GLY A 25 7.30 11.41 -3.97
N ARG A 26 7.53 11.72 -5.24
CA ARG A 26 6.51 12.29 -6.11
C ARG A 26 5.94 11.20 -7.02
N ASP A 27 4.64 11.23 -7.25
CA ASP A 27 4.05 10.31 -8.21
C ASP A 27 3.63 11.03 -9.47
N LEU A 28 4.39 10.83 -10.54
CA LEU A 28 4.07 11.44 -11.82
C LEU A 28 3.60 10.39 -12.81
N ASN A 29 2.73 10.79 -13.73
CA ASN A 29 2.42 9.93 -14.86
C ASN A 29 2.76 10.59 -16.20
N CYS A 30 3.68 11.55 -16.17
CA CYS A 30 4.14 12.29 -17.34
C CYS A 30 5.57 12.79 -17.12
N VAL A 31 6.49 12.39 -18.01
CA VAL A 31 7.90 12.76 -17.87
C VAL A 31 8.48 12.99 -19.27
N PRO A 32 8.50 14.25 -19.74
CA PRO A 32 9.07 14.54 -21.05
C PRO A 32 10.57 14.35 -21.09
N GLU A 33 11.27 14.89 -20.09
CA GLU A 33 12.70 14.64 -20.01
C GLU A 33 13.05 14.15 -18.64
N ILE A 34 13.60 12.95 -18.60
CA ILE A 34 13.90 12.26 -17.35
C ILE A 34 14.95 12.99 -16.48
N ALA A 35 15.96 13.57 -17.13
CA ALA A 35 16.98 14.39 -16.44
C ALA A 35 16.35 15.59 -15.75
N ASP A 36 15.62 16.39 -16.51
CA ASP A 36 14.99 17.61 -16.02
C ASP A 36 13.96 17.33 -14.94
N THR A 37 13.14 16.31 -15.18
CA THR A 37 12.07 15.95 -14.23
C THR A 37 12.64 15.59 -12.87
N LEU A 38 13.65 14.73 -12.88
CA LEU A 38 14.28 14.28 -11.64
C LEU A 38 14.84 15.47 -10.86
N GLY A 39 15.57 16.33 -11.55
CA GLY A 39 16.12 17.54 -10.96
C GLY A 39 15.02 18.36 -10.30
N ALA A 40 14.00 18.71 -11.08
CA ALA A 40 12.86 19.47 -10.58
C ALA A 40 12.42 18.96 -9.20
N VAL A 41 12.08 17.67 -9.14
CA VAL A 41 11.48 17.08 -7.94
C VAL A 41 12.43 17.03 -6.76
N ALA A 42 13.70 16.74 -7.03
CA ALA A 42 14.68 16.68 -5.94
C ALA A 42 14.94 18.09 -5.41
N LYS A 43 14.93 19.06 -6.32
CA LYS A 43 15.07 20.47 -5.99
C LYS A 43 13.85 20.96 -5.23
N GLN A 44 12.71 20.31 -5.46
CA GLN A 44 11.49 20.57 -4.71
C GLN A 44 11.51 19.93 -3.32
N GLY A 45 12.43 18.99 -3.10
CA GLY A 45 12.61 18.36 -1.79
C GLY A 45 12.40 16.86 -1.69
N PHE A 46 11.88 16.24 -2.75
CA PHE A 46 11.50 14.82 -2.72
C PHE A 46 12.68 13.87 -2.66
N ASP A 47 12.48 12.72 -2.01
CA ASP A 47 13.50 11.65 -1.88
C ASP A 47 13.62 10.78 -3.12
N PHE A 48 12.50 10.55 -3.80
CA PHE A 48 12.47 9.63 -4.94
C PHE A 48 11.31 9.90 -5.90
N LEU A 49 11.33 9.23 -7.06
CA LEU A 49 10.34 9.46 -8.10
C LEU A 49 9.55 8.21 -8.51
N CYS A 50 8.22 8.33 -8.52
CA CYS A 50 7.39 7.32 -9.18
C CYS A 50 7.03 7.75 -10.59
N MET A 51 7.54 7.02 -11.57
CA MET A 51 7.33 7.36 -12.97
C MET A 51 7.24 6.10 -13.81
N PRO A 52 6.71 6.22 -15.03
CA PRO A 52 6.57 5.04 -15.90
C PRO A 52 7.90 4.60 -16.52
N VAL A 53 7.95 3.38 -17.03
CA VAL A 53 9.20 2.86 -17.59
C VAL A 53 9.13 2.84 -19.10
N PHE A 54 7.89 2.88 -19.58
CA PHE A 54 7.51 2.93 -20.97
C PHE A 54 6.44 4.00 -20.97
N HIS A 55 6.17 4.61 -22.12
CA HIS A 55 5.15 5.67 -22.17
C HIS A 55 3.76 5.13 -21.88
N PRO A 56 3.07 5.72 -20.89
CA PRO A 56 1.79 5.24 -20.42
C PRO A 56 0.79 4.95 -21.51
N ARG A 57 0.94 5.62 -22.65
CA ARG A 57 -0.01 5.54 -23.78
C ARG A 57 0.49 4.67 -24.91
N PHE A 58 1.74 4.22 -24.78
CA PHE A 58 2.39 3.48 -25.84
C PHE A 58 1.97 2.01 -25.84
N LYS A 59 0.69 1.74 -26.12
CA LYS A 59 0.15 0.38 -26.22
C LYS A 59 0.98 -0.41 -27.22
N ARG A 60 1.49 -1.57 -26.83
CA ARG A 60 2.28 -2.41 -27.75
C ARG A 60 1.58 -3.72 -28.08
N GLU A 61 1.87 -4.23 -29.27
CA GLU A 61 1.28 -5.47 -29.75
C GLU A 61 2.38 -6.53 -29.84
N PHE A 62 2.04 -7.79 -29.55
CA PHE A 62 3.00 -8.92 -29.45
C PHE A 62 2.66 -10.14 -30.32
N ILE A 63 1.46 -10.18 -30.90
CA ILE A 63 1.07 -11.34 -31.72
C ILE A 63 0.74 -11.02 -33.18
N GLN A 64 -0.15 -10.05 -33.42
CA GLN A 64 -0.70 -9.82 -34.77
C GLN A 64 0.09 -8.81 -35.57
N GLU A 65 0.31 -9.15 -36.83
CA GLU A 65 1.00 -8.27 -37.76
C GLU A 65 0.05 -7.22 -38.31
N PRO A 66 0.54 -6.01 -38.57
CA PRO A 66 1.92 -5.56 -38.61
C PRO A 66 2.47 -4.93 -37.33
N ALA A 67 1.56 -4.51 -36.44
CA ALA A 67 1.91 -3.76 -35.23
C ALA A 67 2.94 -4.48 -34.37
N LYS A 68 2.84 -5.80 -34.36
CA LYS A 68 3.82 -6.69 -33.74
C LYS A 68 5.24 -6.28 -34.09
N ASN A 69 5.44 -5.93 -35.36
CA ASN A 69 6.76 -5.61 -35.92
C ASN A 69 7.15 -4.12 -35.86
N ARG A 70 6.45 -3.34 -35.06
CA ARG A 70 6.75 -1.90 -34.94
C ARG A 70 8.25 -1.61 -34.65
N PRO A 71 8.97 -1.02 -35.63
CA PRO A 71 10.32 -0.50 -35.40
C PRO A 71 10.48 0.14 -34.01
N GLY A 72 11.63 -0.10 -33.38
CA GLY A 72 11.93 0.41 -32.03
C GLY A 72 12.59 1.78 -32.07
N PRO A 73 13.16 2.25 -30.94
CA PRO A 73 13.24 1.62 -29.61
C PRO A 73 11.91 1.58 -28.88
N GLN A 74 11.67 0.50 -28.13
CA GLN A 74 10.47 0.42 -27.29
C GLN A 74 10.42 1.48 -26.18
N THR A 75 11.56 1.87 -25.62
CA THR A 75 11.55 2.90 -24.58
C THR A 75 12.85 3.69 -24.49
N ARG A 76 12.96 4.56 -23.47
CA ARG A 76 14.18 5.30 -23.13
C ARG A 76 15.36 4.39 -22.87
N SER A 77 16.56 4.99 -22.91
CA SER A 77 17.79 4.28 -22.63
C SER A 77 18.18 4.38 -21.15
N ASP A 78 18.65 3.27 -20.59
CA ASP A 78 19.24 3.25 -19.24
C ASP A 78 20.35 4.30 -19.07
N LEU A 79 21.07 4.58 -20.14
CA LEU A 79 22.25 5.44 -20.07
C LEU A 79 21.91 6.83 -19.54
N LEU A 80 20.62 7.17 -19.56
CA LEU A 80 20.10 8.45 -19.09
C LEU A 80 20.28 8.74 -17.60
N LEU A 81 20.60 7.72 -16.80
CA LEU A 81 20.95 7.92 -15.39
C LEU A 81 22.06 6.97 -14.94
N SER A 82 22.74 7.33 -13.86
CA SER A 82 23.69 6.43 -13.23
C SER A 82 22.97 5.22 -12.61
N GLY A 83 23.64 4.07 -12.59
CA GLY A 83 23.13 2.87 -11.92
C GLY A 83 22.66 3.22 -10.53
N ARG A 84 23.51 3.92 -9.78
CA ARG A 84 23.16 4.42 -8.45
C ARG A 84 21.83 5.18 -8.43
N ASP A 85 21.60 6.01 -9.44
CA ASP A 85 20.38 6.84 -9.48
C ASP A 85 19.14 6.00 -9.77
N TRP A 86 19.32 4.98 -10.59
CA TRP A 86 18.27 4.02 -10.82
C TRP A 86 17.96 3.26 -9.53
N ASN A 87 18.99 2.67 -8.93
CA ASN A 87 18.84 1.82 -7.73
C ASN A 87 18.19 2.54 -6.56
N THR A 88 18.38 3.86 -6.51
CA THR A 88 17.99 4.61 -5.33
C THR A 88 16.88 5.63 -5.54
N LEU A 89 16.73 6.14 -6.76
CA LEU A 89 15.81 7.27 -6.95
C LEU A 89 14.49 6.98 -7.66
N ILE A 90 14.42 5.89 -8.42
CA ILE A 90 13.28 5.68 -9.29
C ILE A 90 12.44 4.46 -8.89
N VAL A 91 11.15 4.69 -8.65
CA VAL A 91 10.17 3.64 -8.51
C VAL A 91 9.39 3.53 -9.81
N GLY A 92 9.39 2.33 -10.39
CA GLY A 92 8.65 2.05 -11.62
C GLY A 92 7.14 2.01 -11.41
N LYS A 93 6.41 2.25 -12.49
CA LYS A 93 4.97 2.07 -12.52
C LYS A 93 4.60 1.18 -13.70
N LEU A 94 3.66 0.27 -13.47
CA LEU A 94 3.10 -0.55 -14.57
C LEU A 94 2.27 0.34 -15.50
N SER A 95 2.37 0.14 -16.81
CA SER A 95 1.57 0.94 -17.75
C SER A 95 0.08 0.71 -17.53
N PRO A 96 -0.71 1.78 -17.59
CA PRO A 96 -2.08 1.67 -17.14
C PRO A 96 -2.98 0.89 -18.07
N TRP A 97 -2.49 0.59 -19.28
CA TRP A 97 -3.32 -0.12 -20.25
C TRP A 97 -3.24 -1.63 -20.05
N ILE A 98 -2.33 -2.05 -19.17
CA ILE A 98 -2.02 -3.46 -18.97
C ILE A 98 -3.09 -4.06 -18.08
N ARG A 99 -3.92 -4.93 -18.67
CA ARG A 99 -5.10 -5.48 -18.00
C ARG A 99 -5.10 -6.99 -18.16
N PRO A 100 -4.35 -7.69 -17.29
CA PRO A 100 -4.15 -9.13 -17.41
C PRO A 100 -5.41 -9.92 -17.12
N ASP A 101 -6.39 -9.28 -16.49
CA ASP A 101 -7.62 -9.98 -16.13
C ASP A 101 -8.83 -9.48 -16.91
N SER A 102 -8.56 -8.77 -18.01
CA SER A 102 -9.57 -8.47 -19.02
C SER A 102 -10.34 -9.71 -19.43
N LYS A 103 -11.59 -9.51 -19.79
CA LYS A 103 -12.42 -10.58 -20.27
C LYS A 103 -12.24 -10.81 -21.77
N VAL A 104 -11.42 -9.96 -22.39
CA VAL A 104 -11.08 -10.09 -23.81
C VAL A 104 -9.75 -10.80 -23.98
N GLU A 105 -9.81 -11.99 -24.59
CA GLU A 105 -8.64 -12.86 -24.69
C GLU A 105 -7.38 -12.19 -25.23
N LYS A 106 -7.52 -11.45 -26.33
CA LYS A 106 -6.38 -10.83 -26.99
C LYS A 106 -5.73 -9.78 -26.10
N ILE A 107 -6.55 -9.01 -25.40
CA ILE A 107 -6.08 -8.01 -24.44
C ILE A 107 -5.35 -8.67 -23.29
N ARG A 108 -5.89 -9.79 -22.83
CA ARG A 108 -5.31 -10.55 -21.75
C ARG A 108 -3.89 -10.98 -22.12
N ARG A 109 -3.73 -11.59 -23.30
CA ARG A 109 -2.41 -12.02 -23.79
C ARG A 109 -1.35 -10.89 -23.94
N ASN A 110 -1.77 -9.72 -24.44
CA ASN A 110 -0.81 -8.63 -24.62
C ASN A 110 -0.41 -8.05 -23.29
N SER A 111 -1.38 -7.99 -22.39
CA SER A 111 -1.14 -7.54 -21.04
C SER A 111 -0.14 -8.46 -20.33
N GLU A 112 -0.31 -9.78 -20.45
CA GLU A 112 0.67 -10.74 -19.93
C GLU A 112 2.07 -10.38 -20.42
N ALA A 113 2.29 -10.52 -21.73
CA ALA A 113 3.56 -10.15 -22.36
C ALA A 113 4.10 -8.75 -21.96
N ALA A 114 3.23 -7.74 -21.98
CA ALA A 114 3.63 -6.35 -21.64
C ALA A 114 4.08 -6.20 -20.21
N MET A 115 3.32 -6.84 -19.30
CA MET A 115 3.61 -6.86 -17.87
C MET A 115 4.96 -7.51 -17.64
N LEU A 116 5.15 -8.69 -18.21
CA LEU A 116 6.44 -9.34 -18.14
C LEU A 116 7.53 -8.41 -18.61
N GLN A 117 7.28 -7.76 -19.75
CA GLN A 117 8.26 -6.90 -20.38
C GLN A 117 8.64 -5.72 -19.50
N GLU A 118 7.64 -5.05 -18.93
CA GLU A 118 7.91 -3.89 -18.08
C GLU A 118 8.55 -4.35 -16.77
N LEU A 119 8.15 -5.55 -16.30
CA LEU A 119 8.77 -6.10 -15.10
C LEU A 119 10.24 -6.47 -15.29
N ASN A 120 10.55 -7.28 -16.31
CA ASN A 120 11.95 -7.59 -16.63
C ASN A 120 12.80 -6.30 -16.85
N PHE A 121 12.18 -5.27 -17.40
CA PHE A 121 12.87 -4.00 -17.57
C PHE A 121 13.22 -3.34 -16.25
N GLY A 122 12.28 -3.29 -15.31
CA GLY A 122 12.57 -2.75 -13.98
C GLY A 122 13.73 -3.48 -13.32
N ALA A 123 13.69 -4.79 -13.42
CA ALA A 123 14.74 -5.68 -12.90
C ALA A 123 16.07 -5.45 -13.61
N TYR A 124 16.01 -5.22 -14.92
CA TYR A 124 17.19 -4.93 -15.71
C TYR A 124 17.84 -3.63 -15.22
N LEU A 125 17.00 -2.69 -14.80
CA LEU A 125 17.44 -1.39 -14.34
C LEU A 125 17.82 -1.41 -12.87
N GLY A 126 17.38 -2.46 -12.18
CA GLY A 126 17.64 -2.62 -10.75
C GLY A 126 16.90 -1.62 -9.89
N LEU A 127 15.66 -1.32 -10.27
CA LEU A 127 14.83 -0.41 -9.50
C LEU A 127 14.53 -1.00 -8.13
N PRO A 128 14.53 -0.17 -7.09
CA PRO A 128 14.31 -0.66 -5.73
C PRO A 128 12.87 -1.12 -5.51
N ALA A 129 11.93 -0.55 -6.24
CA ALA A 129 10.52 -0.90 -6.13
C ALA A 129 9.77 -0.58 -7.41
N PHE A 130 8.59 -1.19 -7.57
CA PHE A 130 7.79 -1.11 -8.78
C PHE A 130 6.34 -1.17 -8.31
N LEU A 131 5.46 -0.37 -8.92
CA LEU A 131 4.09 -0.17 -8.44
C LEU A 131 3.10 -0.92 -9.34
N LEU A 132 2.03 -1.45 -8.75
CA LEU A 132 1.00 -2.18 -9.53
C LEU A 132 -0.33 -2.02 -8.84
N PRO A 133 -1.38 -1.62 -9.58
CA PRO A 133 -2.69 -1.36 -8.99
C PRO A 133 -3.56 -2.61 -8.76
N LEU A 134 -4.25 -2.60 -7.62
CA LEU A 134 -5.41 -3.42 -7.37
C LEU A 134 -6.63 -2.51 -7.36
N ASN A 135 -7.25 -2.33 -8.52
CA ASN A 135 -8.38 -1.43 -8.67
C ASN A 135 -9.66 -2.19 -9.10
N GLN A 136 -9.66 -3.50 -8.87
CA GLN A 136 -10.86 -4.31 -9.06
C GLN A 136 -10.79 -5.57 -8.19
N GLU A 137 -11.93 -6.25 -8.07
CA GLU A 137 -12.02 -7.50 -7.32
C GLU A 137 -11.11 -8.58 -7.87
N ASP A 138 -11.09 -8.75 -9.18
CA ASP A 138 -10.37 -9.88 -9.71
C ASP A 138 -8.97 -9.60 -10.21
N ASN A 139 -7.96 -9.99 -9.45
CA ASN A 139 -6.62 -9.95 -10.02
C ASN A 139 -5.88 -11.24 -10.09
N THR A 140 -6.64 -12.31 -10.30
CA THR A 140 -6.06 -13.64 -10.34
C THR A 140 -4.91 -13.66 -11.34
N ASN A 141 -5.16 -13.28 -12.58
CA ASN A 141 -4.10 -13.40 -13.57
C ASN A 141 -2.92 -12.43 -13.36
N LEU A 142 -3.21 -11.21 -12.91
CA LEU A 142 -2.13 -10.24 -12.54
C LEU A 142 -1.25 -10.87 -11.49
N ALA A 143 -1.89 -11.45 -10.47
CA ALA A 143 -1.19 -12.19 -9.43
C ALA A 143 -0.34 -13.34 -9.98
N ARG A 144 -0.84 -14.03 -11.00
CA ARG A 144 -0.16 -15.23 -11.44
C ARG A 144 1.01 -14.84 -12.31
N VAL A 145 0.81 -13.85 -13.16
CA VAL A 145 1.96 -13.29 -13.86
C VAL A 145 3.02 -12.78 -12.87
N LEU A 146 2.64 -12.13 -11.78
CA LEU A 146 3.67 -11.55 -10.88
C LEU A 146 4.42 -12.61 -10.10
N THR A 147 3.68 -13.63 -9.63
CA THR A 147 4.29 -14.77 -8.92
C THR A 147 5.28 -15.37 -9.89
N ASN A 148 4.79 -15.70 -11.09
CA ASN A 148 5.66 -16.25 -12.12
C ASN A 148 6.95 -15.43 -12.25
N HIS A 149 6.83 -14.10 -12.37
CA HIS A 149 8.02 -13.23 -12.36
C HIS A 149 8.91 -13.40 -11.15
N ILE A 150 8.36 -13.27 -9.94
CA ILE A 150 9.19 -13.40 -8.73
C ILE A 150 10.06 -14.68 -8.72
N HIS A 151 9.53 -15.80 -9.20
CA HIS A 151 10.28 -17.07 -9.27
C HIS A 151 11.06 -17.30 -10.54
N THR A 152 11.55 -16.22 -11.15
CA THR A 152 12.30 -16.29 -12.39
C THR A 152 13.48 -15.32 -12.29
N GLY A 153 14.68 -15.83 -12.53
CA GLY A 153 15.91 -15.05 -12.45
C GLY A 153 16.24 -14.68 -11.02
N HIS A 154 17.08 -13.66 -10.85
CA HIS A 154 17.39 -13.14 -9.52
C HIS A 154 17.42 -11.62 -9.45
N HIS A 155 16.56 -11.10 -8.58
CA HIS A 155 16.40 -9.67 -8.34
C HIS A 155 15.83 -9.52 -6.93
N SER A 156 15.95 -8.32 -6.36
CA SER A 156 15.56 -8.14 -4.96
C SER A 156 14.48 -7.07 -4.79
N SER A 157 14.08 -6.48 -5.92
CA SER A 157 13.09 -5.41 -6.00
C SER A 157 11.80 -5.67 -5.22
N MET A 158 11.28 -4.63 -4.57
CA MET A 158 9.98 -4.70 -3.89
C MET A 158 8.84 -4.37 -4.84
N PHE A 159 7.70 -5.05 -4.66
CA PHE A 159 6.48 -4.77 -5.43
C PHE A 159 5.43 -4.11 -4.55
N TRP A 160 5.04 -2.89 -4.90
CA TRP A 160 4.05 -2.14 -4.15
C TRP A 160 2.70 -2.24 -4.85
N MET A 161 1.69 -2.65 -4.11
CA MET A 161 0.33 -2.61 -4.64
C MET A 161 -0.36 -1.32 -4.26
N ARG A 162 -0.84 -0.61 -5.27
CA ARG A 162 -1.68 0.53 -5.09
C ARG A 162 -3.09 0.04 -4.83
N VAL A 163 -3.48 0.02 -3.55
CA VAL A 163 -4.86 -0.29 -3.17
C VAL A 163 -5.40 0.96 -2.47
N PRO A 164 -6.66 1.33 -2.77
CA PRO A 164 -7.25 2.49 -2.09
C PRO A 164 -8.01 2.13 -0.79
N LEU A 165 -8.06 3.06 0.17
CA LEU A 165 -8.92 2.88 1.33
C LEU A 165 -10.36 2.61 0.93
N VAL A 166 -10.87 3.43 0.01
CA VAL A 166 -12.24 3.34 -0.48
C VAL A 166 -12.18 3.07 -1.98
N ALA A 167 -12.92 2.04 -2.40
CA ALA A 167 -12.96 1.64 -3.83
C ALA A 167 -13.41 2.81 -4.66
N PRO A 168 -12.90 2.92 -5.89
CA PRO A 168 -13.31 4.01 -6.77
C PRO A 168 -14.84 4.10 -6.94
N GLU A 169 -15.48 2.96 -7.11
CA GLU A 169 -16.94 2.86 -7.30
C GLU A 169 -17.77 3.39 -6.13
N ASP A 170 -17.24 3.28 -4.92
CA ASP A 170 -17.93 3.74 -3.73
C ASP A 170 -17.58 5.22 -3.43
N LEU A 171 -16.78 5.83 -4.30
CA LEU A 171 -16.40 7.24 -4.15
C LEU A 171 -17.14 8.16 -5.10
N ARG A 172 -17.70 7.60 -6.17
CA ARG A 172 -18.32 8.40 -7.23
C ARG A 172 -19.43 9.32 -6.71
N ASP A 173 -19.44 10.56 -7.21
CA ASP A 173 -20.52 11.54 -7.00
C ASP A 173 -21.86 10.87 -7.33
N ASP A 174 -22.86 11.09 -6.48
CA ASP A 174 -24.20 10.58 -6.76
C ASP A 174 -24.88 11.47 -7.80
N ILE A 175 -24.54 11.25 -9.07
CA ILE A 175 -24.99 12.12 -10.15
C ILE A 175 -25.43 11.35 -11.39
N ILE A 176 -25.69 10.04 -11.22
CA ILE A 176 -26.39 9.28 -12.26
C ILE A 176 -27.82 9.05 -11.80
N GLU A 177 -28.75 9.82 -12.37
CA GLU A 177 -30.15 9.77 -11.99
C GLU A 177 -30.71 8.32 -11.91
N ASN A 178 -30.40 7.50 -12.92
CA ASN A 178 -30.93 6.12 -12.99
C ASN A 178 -30.01 5.02 -12.44
N ALA A 179 -29.01 5.43 -11.65
CA ALA A 179 -28.11 4.49 -10.98
C ALA A 179 -27.64 5.19 -9.71
N PRO A 180 -28.50 5.24 -8.69
CA PRO A 180 -28.10 5.94 -7.48
C PRO A 180 -27.02 5.17 -6.72
N THR A 181 -26.37 5.85 -5.78
CA THR A 181 -25.35 5.24 -4.95
C THR A 181 -26.05 4.66 -3.72
N THR A 182 -26.04 3.30 -3.56
CA THR A 182 -26.95 2.66 -2.56
C THR A 182 -26.75 3.20 -1.12
N HIS A 183 -27.65 4.10 -0.72
CA HIS A 183 -27.43 5.05 0.38
C HIS A 183 -27.02 4.51 1.79
N THR A 184 -27.81 3.60 2.38
CA THR A 184 -27.53 3.11 3.75
C THR A 184 -26.61 1.88 3.83
N GLU A 185 -25.93 1.77 4.97
CA GLU A 185 -24.67 1.02 5.13
C GLU A 185 -24.61 -0.48 4.79
N GLU A 186 -23.42 -0.89 4.36
CA GLU A 186 -23.01 -2.30 4.25
C GLU A 186 -21.64 -2.43 4.93
N TYR A 187 -21.60 -3.15 6.05
CA TYR A 187 -20.35 -3.32 6.83
C TYR A 187 -19.26 -3.99 6.00
N SER A 188 -19.66 -4.98 5.19
CA SER A 188 -18.78 -5.68 4.26
C SER A 188 -18.30 -4.82 3.09
N GLY A 189 -19.23 -4.07 2.48
CA GLY A 189 -18.95 -3.21 1.33
C GLY A 189 -17.88 -2.13 1.54
N GLU A 190 -17.74 -1.67 2.79
CA GLU A 190 -16.68 -0.71 3.13
C GLU A 190 -15.33 -1.41 3.34
N GLU A 191 -15.32 -2.73 3.19
CA GLU A 191 -14.12 -3.52 3.43
C GLU A 191 -13.62 -4.23 2.16
N LYS A 192 -14.39 -4.16 1.09
CA LYS A 192 -14.13 -4.95 -0.11
C LYS A 192 -12.70 -4.85 -0.59
N THR A 193 -12.09 -3.69 -0.32
CA THR A 193 -10.77 -3.32 -0.80
C THR A 193 -9.65 -4.10 -0.14
N TRP A 194 -9.83 -4.38 1.14
CA TRP A 194 -8.90 -5.20 1.89
C TRP A 194 -8.95 -6.65 1.40
N MET A 195 -10.14 -7.10 0.98
N MET A 195 -10.15 -7.10 1.00
CA MET A 195 -10.28 -8.43 0.44
CA MET A 195 -10.30 -8.42 0.42
C MET A 195 -9.63 -8.53 -0.94
C MET A 195 -9.56 -8.51 -0.91
N TRP A 196 -9.51 -7.40 -1.66
CA TRP A 196 -8.82 -7.37 -2.96
C TRP A 196 -7.36 -7.70 -2.78
N TRP A 197 -6.84 -7.27 -1.63
CA TRP A 197 -5.45 -7.32 -1.36
C TRP A 197 -5.15 -8.59 -0.62
N HIS A 198 -5.97 -8.88 0.39
CA HIS A 198 -6.00 -10.23 1.01
C HIS A 198 -5.93 -11.28 -0.06
N ASN A 199 -6.92 -11.34 -0.94
CA ASN A 199 -6.87 -12.45 -1.92
C ASN A 199 -5.65 -12.38 -2.76
N PHE A 200 -5.11 -11.18 -2.89
CA PHE A 200 -4.02 -11.06 -3.85
C PHE A 200 -2.75 -11.65 -3.30
N ARG A 201 -2.53 -11.49 -2.01
CA ARG A 201 -1.24 -11.88 -1.47
C ARG A 201 -1.31 -13.31 -0.95
N THR A 202 -2.52 -13.87 -0.96
CA THR A 202 -2.73 -15.25 -0.58
C THR A 202 -2.40 -16.11 -1.79
N LEU A 203 -2.75 -15.61 -2.98
CA LEU A 203 -2.53 -16.35 -4.20
C LEU A 203 -1.06 -16.34 -4.51
N CYS A 204 -0.41 -15.22 -4.15
CA CYS A 204 1.04 -14.99 -4.30
C CYS A 204 1.80 -15.57 -3.13
N ASP A 205 1.04 -16.22 -2.25
CA ASP A 205 1.55 -17.07 -1.19
C ASP A 205 2.40 -16.33 -0.19
N TYR A 206 1.83 -15.22 0.28
CA TYR A 206 2.54 -14.27 1.14
C TYR A 206 3.99 -14.09 0.70
N SER A 207 4.26 -13.78 -0.57
CA SER A 207 5.65 -13.41 -0.91
C SER A 207 6.07 -12.23 -0.03
N LYS A 208 7.34 -12.16 0.37
CA LYS A 208 7.77 -11.03 1.21
C LYS A 208 8.11 -9.82 0.35
N ARG A 209 8.10 -10.06 -0.96
CA ARG A 209 8.48 -9.03 -1.91
C ARG A 209 7.27 -8.22 -2.40
N ILE A 210 6.10 -8.48 -1.82
CA ILE A 210 4.88 -7.81 -2.23
C ILE A 210 4.29 -7.13 -1.02
N ALA A 211 4.32 -5.79 -1.05
CA ALA A 211 3.83 -4.94 0.04
C ALA A 211 2.72 -4.01 -0.42
N VAL A 212 2.18 -3.20 0.50
CA VAL A 212 1.05 -2.31 0.17
C VAL A 212 1.44 -0.82 0.04
N ALA A 213 0.90 -0.16 -0.99
CA ALA A 213 0.94 1.29 -1.16
C ALA A 213 -0.50 1.76 -1.07
N LEU A 214 -0.96 2.06 0.13
CA LEU A 214 -2.35 2.38 0.36
C LEU A 214 -2.62 3.81 -0.09
N GLU A 215 -3.65 4.01 -0.91
CA GLU A 215 -4.04 5.36 -1.33
C GLU A 215 -5.07 5.98 -0.38
N ILE A 216 -4.77 7.16 0.15
CA ILE A 216 -5.72 7.87 1.02
C ILE A 216 -6.63 8.77 0.18
N GLY A 217 -7.89 8.88 0.58
CA GLY A 217 -8.86 9.68 -0.14
C GLY A 217 -9.34 10.87 0.67
N ALA A 218 -10.25 11.65 0.09
CA ALA A 218 -10.81 12.83 0.77
C ALA A 218 -11.66 12.34 1.92
N ASP A 219 -12.65 11.51 1.58
CA ASP A 219 -13.50 10.82 2.52
C ASP A 219 -12.81 9.58 3.07
N LEU A 220 -12.42 9.62 4.33
CA LEU A 220 -11.97 8.42 5.01
C LEU A 220 -13.15 7.49 5.18
N PRO A 221 -12.89 6.17 5.23
CA PRO A 221 -13.98 5.26 5.45
C PRO A 221 -14.24 5.14 6.95
N SER A 222 -15.26 4.34 7.30
CA SER A 222 -15.54 4.04 8.71
C SER A 222 -14.26 3.57 9.42
N ASN A 223 -14.15 3.94 10.70
CA ASN A 223 -12.91 3.70 11.45
C ASN A 223 -12.49 2.23 11.42
N HIS A 224 -13.47 1.32 11.48
N HIS A 224 -13.35 1.30 11.80
CA HIS A 224 -13.21 -0.12 11.37
CA HIS A 224 -12.86 0.01 12.36
C HIS A 224 -12.42 -0.52 10.13
C HIS A 224 -11.88 -0.80 11.50
N VAL A 225 -12.90 -0.15 8.95
N VAL A 225 -11.85 -0.50 10.19
CA VAL A 225 -12.19 -0.50 7.72
CA VAL A 225 -10.93 -1.13 9.27
C VAL A 225 -10.81 0.14 7.59
C VAL A 225 -9.49 -0.66 9.46
N ILE A 226 -10.53 1.14 8.43
N ILE A 226 -9.34 0.66 9.66
CA ILE A 226 -9.16 1.66 8.50
CA ILE A 226 -8.02 1.28 9.85
C ILE A 226 -8.36 0.73 9.40
C ILE A 226 -7.12 0.48 10.75
N ASP A 227 -8.98 0.31 10.50
N ASP A 227 -7.62 0.13 11.94
CA ASP A 227 -8.44 -0.77 11.34
CA ASP A 227 -6.93 -0.80 12.82
C ASP A 227 -7.91 -1.92 10.48
C ASP A 227 -6.26 -1.92 12.00
N ARG A 228 -8.68 -2.28 9.46
N ARG A 228 -7.09 -2.75 11.38
CA ARG A 228 -8.41 -3.44 8.64
CA ARG A 228 -6.63 -3.96 10.67
C ARG A 228 -6.96 -3.60 8.16
C ARG A 228 -5.63 -3.72 9.53
N TRP A 229 -6.32 -2.49 7.80
N TRP A 229 -5.73 -2.56 8.90
CA TRP A 229 -4.94 -2.55 7.35
CA TRP A 229 -4.84 -2.18 7.81
C TRP A 229 -3.96 -2.40 8.49
C TRP A 229 -3.39 -2.08 8.26
N LEU A 230 -4.45 -2.60 9.71
N LEU A 230 -3.18 -1.56 9.46
CA LEU A 230 -3.59 -2.83 10.84
CA LEU A 230 -1.84 -1.31 9.95
C LEU A 230 -2.85 -4.13 10.61
C LEU A 230 -1.27 -2.55 10.62
N GLY A 231 -1.54 -4.09 10.81
N GLY A 231 -1.82 -3.71 10.26
CA GLY A 231 -0.71 -5.27 10.71
CA GLY A 231 -1.28 -5.01 10.62
C GLY A 231 -0.22 -5.62 9.32
C GLY A 231 -0.88 -5.78 9.37
N GLU A 232 -0.82 -5.04 8.27
CA GLU A 232 -0.43 -5.51 6.93
C GLU A 232 0.86 -4.79 6.51
N PRO A 233 1.59 -5.39 5.57
CA PRO A 233 2.88 -4.90 5.10
C PRO A 233 2.76 -3.62 4.28
N ILE A 234 2.23 -2.57 4.90
CA ILE A 234 2.21 -1.24 4.27
C ILE A 234 3.63 -0.70 4.13
N LYS A 235 4.08 -0.46 2.92
CA LYS A 235 5.40 0.18 2.74
C LYS A 235 5.30 1.63 2.28
N ALA A 236 4.13 2.05 1.82
CA ALA A 236 3.92 3.47 1.44
C ALA A 236 2.49 3.93 1.55
N ALA A 237 2.31 5.23 1.78
CA ALA A 237 0.99 5.87 1.72
C ALA A 237 0.94 7.00 0.68
N ILE A 238 0.01 6.87 -0.28
CA ILE A 238 -0.15 7.83 -1.38
C ILE A 238 -1.22 8.86 -1.04
N LEU A 239 -0.80 10.13 -0.90
CA LEU A 239 -1.74 11.24 -0.61
C LEU A 239 -1.90 12.11 -1.85
N PRO A 240 -3.12 12.13 -2.44
CA PRO A 240 -3.33 13.02 -3.58
C PRO A 240 -3.46 14.46 -3.12
N THR A 241 -2.96 15.37 -3.95
CA THR A 241 -2.97 16.81 -3.65
C THR A 241 -4.37 17.29 -3.31
N SER A 242 -5.35 16.69 -3.98
CA SER A 242 -6.73 17.07 -3.87
C SER A 242 -7.43 16.76 -2.53
N ILE A 243 -6.69 16.31 -1.51
CA ILE A 243 -7.35 16.03 -0.22
C ILE A 243 -6.88 16.97 0.88
N PHE A 244 -5.97 17.85 0.50
CA PHE A 244 -5.52 18.89 1.40
C PHE A 244 -6.53 20.02 1.47
N LEU A 245 -6.79 20.45 2.70
CA LEU A 245 -7.56 21.66 2.94
C LEU A 245 -6.61 22.86 2.84
N THR A 246 -7.14 24.08 3.04
CA THR A 246 -6.31 25.29 2.81
C THR A 246 -6.32 26.27 3.97
N ASN A 247 -5.43 26.86 4.79
CA ASN A 247 -5.54 27.51 6.10
C ASN A 247 -5.85 29.00 5.85
N LYS A 248 -5.68 29.82 6.88
CA LYS A 248 -5.90 31.27 6.74
C LYS A 248 -4.94 31.90 5.73
N LYS A 249 -3.72 31.38 5.65
CA LYS A 249 -2.68 31.94 4.79
C LYS A 249 -2.43 31.12 3.52
N GLY A 250 -3.49 30.55 2.95
CA GLY A 250 -3.43 29.86 1.65
C GLY A 250 -2.56 28.61 1.50
N PHE A 251 -1.97 28.16 2.61
CA PHE A 251 -1.10 26.98 2.66
C PHE A 251 -1.92 25.68 2.73
N PRO A 252 -1.36 24.53 2.29
CA PRO A 252 -2.11 23.28 2.36
C PRO A 252 -1.93 22.53 3.69
N VAL A 253 -3.06 22.10 4.28
CA VAL A 253 -3.07 21.31 5.52
C VAL A 253 -3.99 20.09 5.37
N LEU A 254 -4.23 19.38 6.48
CA LEU A 254 -5.15 18.24 6.49
C LEU A 254 -6.18 18.31 7.60
N SER A 255 -7.34 17.68 7.36
CA SER A 255 -8.38 17.55 8.38
C SER A 255 -7.81 16.93 9.64
N LYS A 256 -8.47 17.16 10.77
CA LYS A 256 -8.07 16.57 12.05
C LYS A 256 -7.92 15.06 11.96
N MET A 257 -8.93 14.41 11.37
CA MET A 257 -8.93 12.96 11.22
C MET A 257 -7.79 12.47 10.30
N HIS A 258 -7.55 13.17 9.20
CA HIS A 258 -6.45 12.84 8.29
C HIS A 258 -5.10 12.91 8.99
N GLN A 259 -4.99 13.73 10.02
CA GLN A 259 -3.76 13.84 10.79
C GLN A 259 -3.59 12.63 11.71
N ARG A 260 -4.68 12.18 12.34
CA ARG A 260 -4.66 10.94 13.13
C ARG A 260 -4.04 9.81 12.31
N LEU A 261 -4.46 9.73 11.05
CA LEU A 261 -3.95 8.70 10.16
C LEU A 261 -2.46 8.85 9.95
N ILE A 262 -2.02 10.05 9.61
CA ILE A 262 -0.60 10.28 9.34
C ILE A 262 0.22 9.81 10.53
N PHE A 263 -0.15 10.29 11.72
CA PHE A 263 0.57 9.95 12.94
C PHE A 263 0.67 8.44 13.14
N ARG A 264 -0.43 7.73 12.91
CA ARG A 264 -0.42 6.28 12.99
C ARG A 264 0.56 5.70 11.95
N LEU A 265 0.35 6.04 10.68
CA LEU A 265 1.26 5.65 9.59
C LEU A 265 2.74 5.99 9.82
N LEU A 266 3.00 7.10 10.50
CA LEU A 266 4.37 7.46 10.86
C LEU A 266 5.05 6.40 11.71
N LYS A 267 4.33 5.88 12.70
CA LYS A 267 4.81 4.75 13.53
C LYS A 267 5.27 3.54 12.70
N LEU A 268 4.57 3.28 11.60
CA LEU A 268 4.96 2.19 10.73
C LEU A 268 6.12 2.55 9.81
N GLU A 269 6.58 3.79 9.90
CA GLU A 269 7.71 4.27 9.12
C GLU A 269 7.51 3.99 7.64
N VAL A 270 6.29 4.21 7.17
CA VAL A 270 5.99 4.19 5.76
C VAL A 270 6.63 5.40 5.10
N GLN A 271 6.78 5.33 3.78
CA GLN A 271 7.22 6.48 2.98
C GLN A 271 5.98 7.13 2.38
N PHE A 272 5.98 8.46 2.29
CA PHE A 272 4.83 9.15 1.74
C PHE A 272 5.00 9.51 0.27
N ILE A 273 3.87 9.57 -0.43
CA ILE A 273 3.88 9.76 -1.88
C ILE A 273 2.80 10.76 -2.25
N ILE A 274 3.23 11.91 -2.75
CA ILE A 274 2.30 12.93 -3.26
C ILE A 274 2.03 12.69 -4.74
N THR A 275 0.76 12.80 -5.11
CA THR A 275 0.31 12.48 -6.45
C THR A 275 -0.68 13.55 -6.93
N GLY A 276 -0.86 13.65 -8.25
CA GLY A 276 -1.74 14.66 -8.86
C GLY A 276 -1.10 16.03 -9.00
N THR A 277 -1.75 16.94 -9.73
CA THR A 277 -1.24 18.30 -9.92
C THR A 277 -1.35 19.18 -8.69
N ASN A 278 -0.61 20.28 -8.69
CA ASN A 278 -0.76 21.30 -7.67
C ASN A 278 -2.11 22.00 -7.82
N HIS A 279 -2.83 22.12 -6.71
CA HIS A 279 -4.11 22.82 -6.69
C HIS A 279 -4.03 24.16 -5.95
N HIS A 280 -2.82 24.48 -5.49
CA HIS A 280 -2.52 25.78 -4.90
C HIS A 280 -1.27 26.37 -5.57
N SER A 281 -1.49 27.05 -6.70
CA SER A 281 -0.39 27.65 -7.49
C SER A 281 0.38 28.72 -6.71
N GLU A 282 -0.24 29.24 -5.65
CA GLU A 282 0.36 30.25 -4.77
C GLU A 282 1.64 29.79 -4.08
N LYS A 283 1.99 28.52 -4.23
CA LYS A 283 3.30 28.03 -3.80
C LYS A 283 3.74 26.73 -4.48
N GLU A 284 5.01 26.39 -4.28
CA GLU A 284 5.64 25.17 -4.77
C GLU A 284 5.00 23.90 -4.22
N PHE A 285 5.44 22.75 -4.73
CA PHE A 285 5.09 21.46 -4.14
C PHE A 285 5.69 21.30 -2.75
N CYS A 286 6.84 21.94 -2.53
CA CYS A 286 7.55 21.81 -1.26
C CYS A 286 6.70 22.18 -0.03
N SER A 287 5.58 22.89 -0.24
CA SER A 287 4.70 23.28 0.86
C SER A 287 3.89 22.10 1.43
N TYR A 288 3.31 21.26 0.56
CA TYR A 288 2.71 19.98 0.96
C TYR A 288 3.70 19.20 1.81
N LEU A 289 4.90 19.03 1.26
CA LEU A 289 5.98 18.32 1.92
C LEU A 289 6.33 18.97 3.24
N GLN A 290 6.43 20.30 3.24
CA GLN A 290 6.75 21.09 4.43
C GLN A 290 5.79 20.75 5.56
N TYR A 291 4.50 20.69 5.22
CA TYR A 291 3.48 20.34 6.20
C TYR A 291 3.77 18.99 6.84
N LEU A 292 4.02 17.97 6.02
CA LEU A 292 4.34 16.63 6.52
C LEU A 292 5.47 16.62 7.53
N GLU A 293 6.58 17.30 7.19
CA GLU A 293 7.71 17.48 8.11
C GLU A 293 7.22 18.05 9.44
N TYR A 294 6.29 19.01 9.35
CA TYR A 294 5.71 19.69 10.50
C TYR A 294 5.02 18.69 11.42
N LEU A 295 4.25 17.78 10.83
CA LEU A 295 3.54 16.73 11.60
C LEU A 295 4.50 15.71 12.24
N SER A 296 5.55 15.31 11.53
CA SER A 296 6.60 14.44 12.05
C SER A 296 7.32 15.08 13.23
N GLN A 297 7.73 16.34 13.03
CA GLN A 297 8.27 17.16 14.11
C GLN A 297 7.36 17.16 15.33
N ASN A 298 6.05 17.30 15.11
CA ASN A 298 5.10 17.49 16.21
C ASN A 298 4.31 16.24 16.63
N ARG A 299 4.92 15.08 16.46
CA ARG A 299 4.33 13.83 16.89
C ARG A 299 4.37 13.74 18.42
N PRO A 300 3.39 13.04 19.02
CA PRO A 300 3.50 12.66 20.44
C PRO A 300 4.87 12.02 20.72
N PRO A 301 5.79 12.77 21.37
CA PRO A 301 7.25 12.53 21.40
C PRO A 301 7.69 11.12 21.89
N PRO A 302 8.85 10.63 21.40
CA PRO A 302 9.37 9.30 21.77
C PRO A 302 9.78 9.17 23.24
N ASN A 303 9.27 8.14 23.92
CA ASN A 303 9.52 7.96 25.36
C ASN A 303 10.69 7.02 25.72
N ALA A 304 10.81 6.70 27.00
CA ALA A 304 11.93 5.92 27.55
C ALA A 304 12.02 4.52 26.93
N TYR A 305 10.89 3.81 26.93
CA TYR A 305 10.77 2.50 26.31
C TYR A 305 10.97 2.56 24.78
N GLU A 306 10.20 3.44 24.14
CA GLU A 306 10.13 3.56 22.68
C GLU A 306 11.46 3.97 22.05
N LEU A 307 12.23 4.82 22.74
CA LEU A 307 13.59 5.17 22.31
C LEU A 307 14.49 3.93 22.37
N PHE A 308 14.38 3.18 23.47
CA PHE A 308 15.18 1.96 23.69
C PHE A 308 14.82 0.81 22.73
N ALA A 309 13.52 0.60 22.50
CA ALA A 309 13.04 -0.54 21.71
C ALA A 309 13.15 -0.35 20.18
N LYS A 310 13.99 0.61 19.78
CA LYS A 310 13.98 1.15 18.41
C LYS A 310 14.38 0.16 17.30
N GLY A 311 15.65 -0.33 17.35
CA GLY A 311 16.16 -1.22 16.31
C GLY A 311 15.83 -2.68 16.54
N TYR A 312 14.63 -2.92 17.09
CA TYR A 312 14.25 -4.22 17.63
C TYR A 312 12.86 -4.61 17.15
N GLU A 313 12.21 -3.68 16.47
CA GLU A 313 10.81 -3.86 16.11
C GLU A 313 10.62 -5.02 15.15
N ASP A 314 9.56 -5.79 15.40
CA ASP A 314 9.24 -7.04 14.69
C ASP A 314 10.43 -7.99 14.50
N TYR A 315 11.35 -7.99 15.45
CA TYR A 315 12.50 -8.87 15.39
C TYR A 315 12.31 -10.06 16.33
N LEU A 316 12.25 -11.24 15.75
CA LEU A 316 11.96 -12.47 16.50
C LEU A 316 13.21 -13.08 17.05
N GLN A 317 13.24 -13.26 18.36
CA GLN A 317 14.29 -14.06 19.04
C GLN A 317 13.67 -15.35 19.57
N SER A 318 14.37 -16.47 19.49
N SER A 318 14.36 -16.47 19.34
CA SER A 318 13.99 -17.62 20.29
CA SER A 318 13.81 -17.80 19.61
C SER A 318 14.42 -17.28 21.73
C SER A 318 14.13 -18.30 21.01
N PRO A 319 13.61 -17.65 22.74
N PRO A 319 13.46 -19.39 21.43
CA PRO A 319 14.03 -17.35 24.11
CA PRO A 319 13.51 -19.91 22.79
C PRO A 319 15.21 -18.23 24.52
C PRO A 319 14.90 -20.07 23.40
N LEU A 320 15.77 -17.99 25.71
N LEU A 320 15.07 -19.47 24.56
CA LEU A 320 16.91 -18.79 26.18
CA LEU A 320 16.30 -19.49 25.34
C LEU A 320 16.51 -20.14 26.82
C LEU A 320 16.28 -20.70 26.26
N GLN A 321 17.44 -21.10 26.77
CA GLN A 321 17.50 -22.24 27.69
C GLN A 321 18.07 -21.70 28.99
N PRO A 322 17.21 -21.28 29.93
CA PRO A 322 17.66 -20.46 31.07
C PRO A 322 18.57 -21.26 32.00
N LEU A 323 18.38 -22.58 31.99
CA LEU A 323 19.10 -23.50 32.85
C LEU A 323 20.26 -24.20 32.15
N MET A 324 19.98 -24.79 30.98
CA MET A 324 20.98 -25.51 30.20
C MET A 324 22.08 -24.58 29.71
N ASP A 325 21.78 -23.29 29.55
CA ASP A 325 22.79 -22.32 29.09
C ASP A 325 23.07 -21.20 30.08
N ASN A 326 24.14 -20.47 29.81
CA ASN A 326 24.61 -19.43 30.72
C ASN A 326 24.55 -18.06 30.06
N LEU A 327 23.96 -17.10 30.73
CA LEU A 327 23.88 -15.73 30.19
C LEU A 327 25.26 -15.09 30.03
N GLU A 328 25.49 -14.39 28.92
CA GLU A 328 26.75 -13.68 28.66
C GLU A 328 26.88 -12.36 29.44
N SER A 329 28.10 -11.93 29.72
CA SER A 329 28.34 -10.69 30.49
C SER A 329 27.54 -9.50 29.95
N GLN A 330 27.54 -9.29 28.63
CA GLN A 330 26.85 -8.16 28.00
C GLN A 330 25.34 -8.21 28.20
N THR A 331 24.79 -9.42 28.37
CA THR A 331 23.37 -9.54 28.57
C THR A 331 22.96 -8.96 29.92
N TYR A 332 23.55 -9.47 31.00
CA TYR A 332 23.43 -8.87 32.31
C TYR A 332 23.63 -7.34 32.20
N GLU A 333 24.73 -6.91 31.59
CA GLU A 333 25.04 -5.48 31.46
C GLU A 333 23.84 -4.65 31.00
N VAL A 334 23.21 -5.07 29.90
CA VAL A 334 22.10 -4.31 29.29
C VAL A 334 20.86 -4.24 30.19
N PHE A 335 20.49 -5.37 30.78
CA PHE A 335 19.27 -5.44 31.58
C PHE A 335 19.40 -4.82 32.94
N GLU A 336 20.61 -4.82 33.47
CA GLU A 336 20.92 -4.18 34.75
C GLU A 336 20.57 -2.69 34.76
N LYS A 337 20.40 -2.11 33.57
CA LYS A 337 20.19 -0.67 33.42
C LYS A 337 18.72 -0.29 33.46
N ASP A 338 17.86 -1.30 33.68
CA ASP A 338 16.44 -1.05 33.80
C ASP A 338 16.15 -0.06 34.92
N PRO A 339 15.27 0.91 34.66
CA PRO A 339 15.15 1.97 35.65
C PRO A 339 14.04 1.71 36.66
N ILE A 340 13.38 0.57 36.54
CA ILE A 340 12.15 0.31 37.29
C ILE A 340 12.20 -1.03 37.98
N LYS A 341 12.64 -2.07 37.27
CA LYS A 341 12.68 -3.42 37.82
C LYS A 341 13.43 -3.43 39.15
N TYR A 342 14.47 -2.61 39.24
CA TYR A 342 15.34 -2.68 40.40
C TYR A 342 14.79 -1.92 41.58
N SER A 343 14.34 -0.69 41.34
CA SER A 343 13.76 0.11 42.41
C SER A 343 12.49 -0.54 42.95
N GLN A 344 11.71 -1.17 42.07
CA GLN A 344 10.52 -1.91 42.46
C GLN A 344 10.83 -3.07 43.41
N TYR A 345 11.95 -3.74 43.19
CA TYR A 345 12.36 -4.85 44.08
C TYR A 345 12.82 -4.32 45.44
N GLN A 346 13.65 -3.26 45.43
CA GLN A 346 14.08 -2.56 46.62
C GLN A 346 12.89 -2.20 47.49
N GLN A 347 11.89 -1.56 46.88
CA GLN A 347 10.65 -1.23 47.54
C GLN A 347 9.87 -2.46 48.06
N ALA A 348 9.96 -3.60 47.37
CA ALA A 348 9.26 -4.80 47.83
C ALA A 348 9.88 -5.38 49.09
N ILE A 349 11.21 -5.45 49.11
CA ILE A 349 11.93 -5.98 50.25
C ILE A 349 11.75 -5.04 51.44
N TYR A 350 11.82 -3.74 51.18
CA TYR A 350 11.59 -2.68 52.15
C TYR A 350 10.27 -2.87 52.89
N LYS A 351 9.14 -2.85 52.16
CA LYS A 351 7.83 -3.14 52.74
C LYS A 351 7.79 -4.41 53.57
N CYS A 352 8.40 -5.49 53.05
CA CYS A 352 8.33 -6.81 53.68
C CYS A 352 9.11 -6.89 54.98
N LEU A 353 10.23 -6.18 55.02
CA LEU A 353 11.10 -6.16 56.19
C LEU A 353 10.33 -5.59 57.36
N LEU A 354 9.75 -4.41 57.15
CA LEU A 354 8.95 -3.75 58.17
C LEU A 354 7.85 -4.68 58.66
N ASP A 355 7.00 -5.15 57.76
CA ASP A 355 5.91 -6.06 58.15
C ASP A 355 6.38 -7.29 58.95
N ARG A 356 7.70 -7.50 59.01
CA ARG A 356 8.24 -8.72 59.62
C ARG A 356 9.07 -8.53 60.90
N VAL A 357 9.67 -7.34 61.06
CA VAL A 357 10.35 -6.99 62.30
C VAL A 357 9.91 -5.60 62.81
N PRO A 358 9.17 -5.58 63.94
CA PRO A 358 8.57 -4.37 64.51
C PRO A 358 9.61 -3.46 65.16
N GLU A 359 9.31 -2.17 65.22
CA GLU A 359 10.25 -1.12 65.65
C GLU A 359 11.11 -1.44 66.89
N GLU A 360 10.49 -1.97 67.94
CA GLU A 360 11.23 -2.32 69.15
C GLU A 360 12.21 -3.49 68.94
N GLU A 361 11.94 -4.33 67.94
CA GLU A 361 12.76 -5.52 67.69
C GLU A 361 13.94 -5.27 66.76
N LYS A 362 14.01 -4.06 66.22
CA LYS A 362 14.90 -3.75 65.11
C LYS A 362 16.37 -4.21 65.18
N ASP A 363 16.97 -4.12 66.36
CA ASP A 363 18.36 -4.54 66.54
C ASP A 363 18.46 -5.97 67.09
N THR A 364 17.35 -6.49 67.60
CA THR A 364 17.33 -7.83 68.14
C THR A 364 17.13 -8.89 67.02
N ASN A 365 16.50 -8.47 65.93
CA ASN A 365 16.13 -9.37 64.85
C ASN A 365 16.81 -9.09 63.52
N VAL A 366 17.63 -10.06 63.11
CA VAL A 366 18.36 -10.02 61.85
C VAL A 366 17.69 -10.98 60.87
N GLN A 367 16.99 -10.44 59.87
CA GLN A 367 16.30 -11.28 58.89
C GLN A 367 17.31 -11.93 57.95
N VAL A 368 17.17 -13.24 57.74
CA VAL A 368 17.99 -13.93 56.73
C VAL A 368 17.31 -13.91 55.35
N LEU A 369 18.01 -13.29 54.41
CA LEU A 369 17.54 -13.06 53.04
C LEU A 369 18.36 -13.79 51.96
N MET A 370 17.69 -14.66 51.19
CA MET A 370 18.36 -15.36 50.08
C MET A 370 17.96 -14.89 48.69
N VAL A 371 18.94 -14.41 47.94
CA VAL A 371 18.78 -14.06 46.53
C VAL A 371 19.08 -15.24 45.61
N LEU A 372 18.09 -15.65 44.84
CA LEU A 372 18.18 -16.87 44.04
C LEU A 372 18.34 -16.53 42.57
N GLY A 373 19.54 -16.74 42.05
CA GLY A 373 19.87 -16.28 40.71
C GLY A 373 20.31 -14.83 40.83
N ALA A 374 21.49 -14.64 41.36
CA ALA A 374 21.93 -13.35 41.85
C ALA A 374 22.61 -12.55 40.74
N GLY A 375 22.95 -13.24 39.65
CA GLY A 375 23.54 -12.60 38.48
C GLY A 375 24.80 -11.85 38.87
N ARG A 376 24.96 -10.64 38.36
CA ARG A 376 26.11 -9.82 38.76
C ARG A 376 25.88 -9.02 40.06
N GLY A 377 24.81 -9.34 40.77
CA GLY A 377 24.56 -8.81 42.11
C GLY A 377 23.63 -7.60 42.32
N PRO A 378 22.85 -7.20 41.29
CA PRO A 378 22.09 -5.98 41.56
C PRO A 378 20.96 -6.18 42.59
N LEU A 379 20.38 -7.38 42.65
CA LEU A 379 19.31 -7.64 43.63
C LEU A 379 19.89 -7.68 45.03
N VAL A 380 21.12 -8.16 45.14
CA VAL A 380 21.86 -8.18 46.41
C VAL A 380 22.06 -6.73 46.90
N ASN A 381 22.66 -5.87 46.07
CA ASN A 381 22.82 -4.47 46.41
C ASN A 381 21.49 -3.87 46.82
N ALA A 382 20.44 -4.22 46.08
CA ALA A 382 19.15 -3.58 46.28
C ALA A 382 18.55 -4.03 47.60
N SER A 383 18.99 -5.19 48.08
CA SER A 383 18.58 -5.70 49.38
C SER A 383 19.27 -4.91 50.48
N LEU A 384 20.56 -4.66 50.27
CA LEU A 384 21.33 -3.87 51.18
C LEU A 384 20.71 -2.48 51.27
N ARG A 385 20.27 -1.95 50.14
CA ARG A 385 19.62 -0.65 50.10
C ARG A 385 18.25 -0.65 50.78
N ALA A 386 17.59 -1.80 50.76
CA ALA A 386 16.29 -1.95 51.37
C ALA A 386 16.38 -1.95 52.89
N ALA A 387 17.38 -2.67 53.40
CA ALA A 387 17.60 -2.78 54.83
C ALA A 387 18.02 -1.44 55.49
N LYS A 388 18.91 -0.72 54.83
CA LYS A 388 19.30 0.62 55.28
C LYS A 388 18.25 1.68 54.92
N GLN A 389 17.04 1.24 54.61
CA GLN A 389 15.94 2.16 54.32
C GLN A 389 14.84 1.84 55.30
N ALA A 390 14.73 0.55 55.60
CA ALA A 390 13.85 0.06 56.63
C ALA A 390 14.52 0.24 57.97
N ASP A 391 15.81 0.60 57.93
CA ASP A 391 16.66 0.60 59.12
C ASP A 391 16.50 -0.73 59.90
N ARG A 392 16.74 -1.85 59.21
CA ARG A 392 16.69 -3.18 59.81
C ARG A 392 17.92 -4.01 59.42
N ARG A 393 18.11 -5.17 60.04
CA ARG A 393 19.34 -5.92 59.88
C ARG A 393 19.16 -7.29 59.21
N ILE A 394 20.03 -7.59 58.24
CA ILE A 394 19.86 -8.76 57.36
C ILE A 394 21.12 -9.61 57.09
N LYS A 395 20.94 -10.93 57.04
CA LYS A 395 22.00 -11.83 56.56
C LYS A 395 21.69 -12.26 55.14
N LEU A 396 22.64 -12.07 54.22
CA LEU A 396 22.44 -12.37 52.79
C LEU A 396 23.11 -13.64 52.28
N TYR A 397 22.38 -14.39 51.46
CA TYR A 397 23.00 -15.37 50.58
C TYR A 397 22.79 -14.95 49.15
N ALA A 398 23.81 -15.13 48.32
CA ALA A 398 23.70 -14.90 46.87
C ALA A 398 23.93 -16.20 46.09
N VAL A 399 22.87 -16.99 45.88
CA VAL A 399 22.98 -18.22 45.09
C VAL A 399 22.88 -17.95 43.57
N GLU A 400 23.76 -18.59 42.80
CA GLU A 400 23.86 -18.33 41.36
C GLU A 400 24.44 -19.52 40.65
N LYS A 401 23.78 -19.97 39.59
CA LYS A 401 24.20 -21.20 38.89
C LYS A 401 25.31 -20.91 37.88
N ASN A 402 25.21 -19.78 37.20
CA ASN A 402 26.23 -19.37 36.24
C ASN A 402 27.58 -19.11 36.92
N PRO A 403 28.55 -20.04 36.79
CA PRO A 403 29.89 -19.87 37.41
C PRO A 403 30.63 -18.63 36.91
N ASN A 404 30.30 -18.22 35.70
CA ASN A 404 30.88 -17.02 35.11
C ASN A 404 30.43 -15.75 35.82
N ALA A 405 29.17 -15.74 36.27
CA ALA A 405 28.62 -14.58 36.98
C ALA A 405 29.11 -14.62 38.43
N VAL A 406 29.02 -15.83 39.01
CA VAL A 406 29.60 -16.15 40.31
C VAL A 406 31.02 -15.61 40.52
N VAL A 407 31.66 -15.20 39.42
CA VAL A 407 32.99 -14.64 39.47
C VAL A 407 32.87 -13.16 39.86
N THR A 408 32.06 -12.42 39.12
CA THR A 408 31.66 -11.07 39.46
C THR A 408 31.23 -10.97 40.92
N LEU A 409 30.35 -11.88 41.35
CA LEU A 409 29.79 -11.85 42.69
C LEU A 409 30.88 -11.97 43.71
N GLU A 410 31.71 -12.99 43.56
CA GLU A 410 32.79 -13.27 44.48
C GLU A 410 33.83 -12.14 44.52
N ASN A 411 33.95 -11.39 43.43
CA ASN A 411 34.77 -10.17 43.40
C ASN A 411 34.09 -9.03 44.17
N TRP A 412 32.81 -8.75 43.90
CA TRP A 412 32.02 -7.78 44.70
C TRP A 412 32.11 -8.02 46.21
N GLN A 413 32.01 -9.28 46.63
CA GLN A 413 31.94 -9.58 48.06
C GLN A 413 33.28 -9.45 48.77
N PHE A 414 34.39 -9.56 48.04
CA PHE A 414 35.68 -9.32 48.65
C PHE A 414 36.02 -7.82 48.61
N GLU A 415 35.71 -7.14 47.51
CA GLU A 415 36.05 -5.73 47.39
C GLU A 415 35.13 -4.83 48.20
N GLU A 416 33.87 -5.25 48.37
CA GLU A 416 32.83 -4.36 48.90
C GLU A 416 31.91 -4.96 49.97
N TRP A 417 31.16 -5.99 49.62
CA TRP A 417 30.09 -6.43 50.51
C TRP A 417 30.55 -6.93 51.88
N GLY A 418 31.68 -7.64 51.92
CA GLY A 418 32.10 -8.29 53.16
C GLY A 418 31.25 -9.50 53.48
N SER A 419 31.43 -10.05 54.67
CA SER A 419 30.82 -11.32 55.03
C SER A 419 29.36 -11.18 55.45
N GLN A 420 28.78 -10.01 55.22
CA GLN A 420 27.33 -9.90 55.30
C GLN A 420 26.69 -10.75 54.19
N VAL A 421 27.37 -10.82 53.04
CA VAL A 421 26.94 -11.65 51.91
C VAL A 421 27.76 -12.95 51.81
N THR A 422 27.07 -14.08 51.90
CA THR A 422 27.65 -15.39 51.55
C THR A 422 27.30 -15.71 50.08
N VAL A 423 28.32 -15.84 49.24
CA VAL A 423 28.09 -16.17 47.83
C VAL A 423 28.10 -17.69 47.67
N VAL A 424 27.01 -18.24 47.13
CA VAL A 424 26.96 -19.68 46.83
C VAL A 424 26.95 -19.93 45.33
N SER A 425 27.95 -20.68 44.85
CA SER A 425 27.98 -21.10 43.47
C SER A 425 27.33 -22.48 43.25
N SER A 426 26.00 -22.52 43.25
CA SER A 426 25.31 -23.72 42.77
C SER A 426 23.90 -23.42 42.24
N ASP A 427 23.19 -24.49 41.88
CA ASP A 427 21.83 -24.39 41.47
C ASP A 427 21.01 -24.30 42.73
N MET A 428 19.88 -23.60 42.67
CA MET A 428 19.02 -23.50 43.83
C MET A 428 18.22 -24.78 44.05
N ARG A 429 17.95 -25.55 42.99
CA ARG A 429 17.30 -26.87 43.17
C ARG A 429 18.24 -27.83 43.91
N GLU A 430 19.52 -27.48 43.95
CA GLU A 430 20.58 -28.39 44.40
C GLU A 430 21.20 -28.04 45.74
N TRP A 431 21.38 -26.74 45.98
CA TRP A 431 22.02 -26.21 47.19
C TRP A 431 21.46 -26.78 48.49
N VAL A 432 22.36 -27.26 49.34
CA VAL A 432 22.03 -27.65 50.69
C VAL A 432 22.26 -26.42 51.56
N ALA A 433 21.18 -25.78 51.99
CA ALA A 433 21.27 -24.51 52.70
C ALA A 433 21.61 -24.71 54.18
N PRO A 434 22.65 -24.01 54.68
CA PRO A 434 23.06 -24.16 56.06
C PRO A 434 21.96 -23.79 57.05
N GLU A 435 21.05 -22.91 56.63
CA GLU A 435 19.93 -22.43 57.45
C GLU A 435 18.71 -22.05 56.60
N LYS A 436 17.53 -22.00 57.21
CA LYS A 436 16.29 -21.64 56.52
C LYS A 436 16.18 -20.12 56.32
N ALA A 437 15.34 -19.68 55.39
CA ALA A 437 15.26 -18.25 55.10
C ALA A 437 13.99 -17.57 55.57
N ASP A 438 14.14 -16.31 55.91
CA ASP A 438 13.02 -15.45 56.21
C ASP A 438 12.30 -15.08 54.94
N ILE A 439 13.08 -14.58 53.98
CA ILE A 439 12.60 -14.21 52.67
C ILE A 439 13.54 -14.72 51.60
N ILE A 440 12.98 -15.39 50.58
CA ILE A 440 13.74 -15.65 49.37
C ILE A 440 13.41 -14.62 48.31
N VAL A 441 14.30 -14.44 47.37
CA VAL A 441 14.11 -13.38 46.39
C VAL A 441 14.61 -13.84 45.04
N SER A 442 13.86 -13.58 43.98
CA SER A 442 14.31 -14.08 42.69
C SER A 442 13.66 -13.28 41.65
N GLU A 443 14.37 -13.09 40.53
CA GLU A 443 13.70 -12.76 39.28
C GLU A 443 14.09 -13.78 38.19
N LEU A 444 13.19 -14.74 38.01
CA LEU A 444 13.44 -15.86 37.11
C LEU A 444 12.37 -16.01 36.03
N LEU A 445 11.86 -14.86 35.58
CA LEU A 445 10.65 -14.77 34.78
C LEU A 445 10.97 -14.43 33.35
N GLY A 446 10.06 -14.82 32.46
CA GLY A 446 10.23 -14.61 31.03
C GLY A 446 8.99 -13.94 30.57
N SER A 447 8.92 -13.60 29.29
CA SER A 447 7.85 -12.70 28.87
C SER A 447 6.46 -13.29 29.01
N PHE A 448 6.40 -14.63 29.22
CA PHE A 448 5.11 -15.32 29.40
C PHE A 448 5.02 -15.84 30.83
N ALA A 449 5.65 -15.06 31.71
CA ALA A 449 5.76 -15.32 33.14
C ALA A 449 6.60 -16.54 33.48
N ASP A 450 6.05 -17.73 33.22
CA ASP A 450 6.66 -18.95 33.75
C ASP A 450 7.47 -19.75 32.71
N ASN A 451 7.86 -19.06 31.64
CA ASN A 451 8.56 -19.67 30.54
C ASN A 451 10.08 -19.80 30.70
N GLU A 452 10.59 -19.54 31.92
CA GLU A 452 11.99 -19.80 32.26
C GLU A 452 12.05 -20.74 33.46
N LEU A 453 10.92 -21.39 33.74
CA LEU A 453 10.89 -22.48 34.70
C LEU A 453 11.11 -21.98 36.13
N SER A 454 10.58 -20.80 36.41
CA SER A 454 10.65 -20.27 37.75
C SER A 454 9.77 -21.05 38.73
N PRO A 455 8.56 -21.46 38.33
CA PRO A 455 7.89 -22.54 39.10
C PRO A 455 8.82 -23.62 39.63
N GLU A 456 9.57 -24.28 38.74
CA GLU A 456 10.32 -25.49 39.09
C GLU A 456 11.48 -25.17 40.01
N CYS A 457 12.07 -24.01 39.76
CA CYS A 457 13.24 -23.59 40.48
C CYS A 457 12.89 -23.19 41.90
N LEU A 458 11.87 -22.34 42.05
CA LEU A 458 11.44 -21.92 43.37
C LEU A 458 10.81 -23.12 44.14
N ASP A 459 10.07 -23.99 43.44
CA ASP A 459 9.62 -25.25 44.08
C ASP A 459 10.75 -26.11 44.61
N GLY A 460 11.88 -26.13 43.89
CA GLY A 460 13.02 -26.95 44.29
C GLY A 460 13.85 -26.32 45.38
N ALA A 461 13.54 -25.07 45.69
CA ALA A 461 14.32 -24.29 46.64
C ALA A 461 13.53 -24.06 47.93
N GLN A 462 12.23 -24.28 47.89
CA GLN A 462 11.34 -23.80 48.95
C GLN A 462 11.46 -24.57 50.27
N HIS A 463 12.02 -25.78 50.21
CA HIS A 463 12.27 -26.58 51.40
C HIS A 463 13.20 -25.89 52.40
N PHE A 464 13.95 -24.88 51.96
CA PHE A 464 14.78 -24.08 52.88
C PHE A 464 14.24 -22.68 53.18
N LEU A 465 12.95 -22.51 53.02
CA LEU A 465 12.25 -21.28 53.39
C LEU A 465 11.48 -21.53 54.69
N LYS A 466 11.65 -20.64 55.66
CA LYS A 466 10.97 -20.80 56.97
C LYS A 466 9.47 -20.96 56.80
N ASP A 467 8.85 -21.68 57.73
CA ASP A 467 7.42 -22.02 57.62
C ASP A 467 6.51 -20.79 57.45
N ASP A 468 6.97 -19.65 57.94
CA ASP A 468 6.25 -18.39 57.80
C ASP A 468 6.97 -17.49 56.78
N GLY A 469 7.79 -18.10 55.94
CA GLY A 469 8.67 -17.35 55.03
C GLY A 469 7.94 -16.73 53.86
N VAL A 470 8.37 -15.52 53.49
CA VAL A 470 7.90 -14.82 52.28
C VAL A 470 8.74 -15.21 51.05
N SER A 471 8.08 -15.31 49.89
CA SER A 471 8.77 -15.39 48.59
C SER A 471 8.58 -14.08 47.84
N ILE A 472 9.64 -13.59 47.27
CA ILE A 472 9.48 -12.49 46.35
C ILE A 472 10.04 -12.93 45.00
N PRO A 473 9.17 -13.04 43.99
CA PRO A 473 7.76 -12.63 43.98
C PRO A 473 6.82 -13.64 44.63
N GLY A 474 5.61 -13.16 44.94
CA GLY A 474 4.58 -14.00 45.54
C GLY A 474 3.76 -14.74 44.52
N GLU A 475 3.47 -14.07 43.41
CA GLU A 475 2.78 -14.72 42.28
C GLU A 475 3.01 -14.00 40.95
N TYR A 476 2.79 -14.74 39.88
CA TYR A 476 2.76 -14.20 38.51
C TYR A 476 1.67 -14.87 37.69
N THR A 477 1.24 -14.17 36.65
CA THR A 477 0.10 -14.59 35.86
C THR A 477 0.37 -14.27 34.38
N SER A 478 0.17 -15.28 33.52
CA SER A 478 0.36 -15.08 32.07
C SER A 478 -0.94 -14.67 31.40
N PHE A 479 -0.82 -14.24 30.15
CA PHE A 479 -1.91 -13.63 29.43
C PHE A 479 -1.77 -13.94 27.99
N LEU A 480 -2.86 -13.81 27.26
CA LEU A 480 -2.83 -14.06 25.83
C LEU A 480 -3.85 -13.15 25.20
N ALA A 481 -3.58 -12.76 23.97
CA ALA A 481 -4.50 -11.97 23.16
C ALA A 481 -4.24 -12.43 21.74
N PRO A 482 -5.30 -12.55 20.93
CA PRO A 482 -5.01 -12.99 19.56
C PRO A 482 -4.61 -11.79 18.73
N ILE A 483 -3.76 -12.02 17.73
CA ILE A 483 -3.33 -10.93 16.87
C ILE A 483 -3.40 -11.28 15.39
N SER A 484 -3.51 -10.23 14.59
CA SER A 484 -3.34 -10.34 13.14
C SER A 484 -2.08 -9.62 12.72
N SER A 485 -1.22 -10.31 11.99
CA SER A 485 -0.06 -9.67 11.39
C SER A 485 0.51 -10.54 10.30
N SER A 486 0.33 -10.13 9.04
CA SER A 486 0.97 -10.86 7.96
C SER A 486 2.45 -10.68 8.05
N LYS A 487 2.87 -9.48 8.46
CA LYS A 487 4.29 -9.19 8.57
C LYS A 487 5.00 -10.24 9.46
N LEU A 488 4.46 -10.48 10.65
CA LEU A 488 5.06 -11.42 11.61
C LEU A 488 4.88 -12.88 11.21
N TYR A 489 3.74 -13.17 10.60
CA TYR A 489 3.49 -14.50 10.07
C TYR A 489 4.56 -14.83 9.05
N ASN A 490 5.00 -13.79 8.33
CA ASN A 490 5.98 -14.02 7.28
C ASN A 490 7.38 -14.14 7.83
N GLU A 491 7.64 -13.48 8.95
CA GLU A 491 8.94 -13.57 9.63
C GLU A 491 9.14 -14.94 10.25
N VAL A 492 8.09 -15.49 10.82
CA VAL A 492 8.17 -16.83 11.43
C VAL A 492 8.44 -17.82 10.33
N ARG A 493 7.62 -17.77 9.28
CA ARG A 493 7.79 -18.58 8.08
C ARG A 493 9.23 -18.56 7.61
N ALA A 494 9.82 -17.38 7.62
CA ALA A 494 11.20 -17.22 7.16
C ALA A 494 12.21 -17.93 8.05
N CYS A 495 11.74 -18.51 9.15
CA CYS A 495 12.63 -19.17 10.12
C CYS A 495 12.80 -20.67 9.89
N ARG A 496 12.38 -21.16 8.73
CA ARG A 496 12.69 -22.54 8.36
C ARG A 496 14.20 -22.74 8.26
N GLU A 497 14.69 -23.79 8.90
CA GLU A 497 16.09 -24.21 8.81
C GLU A 497 16.15 -25.57 8.11
N LYS A 498 17.26 -25.82 7.41
CA LYS A 498 17.63 -27.16 6.97
C LYS A 498 17.64 -28.20 8.12
N ASP A 499 17.56 -29.47 7.78
CA ASP A 499 17.73 -30.57 8.76
C ASP A 499 16.80 -30.58 9.98
N ARG A 500 15.60 -30.04 9.84
CA ARG A 500 14.59 -30.16 10.88
C ARG A 500 13.22 -30.05 10.25
N ASP A 501 12.18 -30.36 11.02
CA ASP A 501 10.82 -30.30 10.53
C ASP A 501 10.63 -28.99 9.77
N PRO A 502 10.14 -29.06 8.52
CA PRO A 502 9.91 -27.84 7.73
C PRO A 502 8.81 -26.94 8.29
N GLU A 503 8.34 -27.22 9.49
CA GLU A 503 7.26 -26.47 10.10
C GLU A 503 7.52 -26.26 11.58
N ALA A 504 8.70 -26.67 12.04
CA ALA A 504 9.10 -26.36 13.40
C ALA A 504 9.04 -24.87 13.76
N GLN A 505 9.43 -23.97 12.82
CA GLN A 505 9.34 -22.50 13.04
C GLN A 505 8.04 -22.22 13.76
N PHE A 506 7.01 -23.00 13.44
CA PHE A 506 5.66 -22.58 13.86
C PHE A 506 5.31 -23.08 15.24
N GLU A 507 6.24 -23.78 15.89
CA GLU A 507 5.81 -24.50 17.08
C GLU A 507 6.65 -24.23 18.29
N MET A 508 6.94 -22.94 18.47
CA MET A 508 7.76 -22.46 19.54
C MET A 508 7.47 -20.94 19.64
N PRO A 509 7.59 -20.36 20.85
CA PRO A 509 7.20 -19.01 21.03
C PRO A 509 8.39 -18.04 20.83
N TYR A 510 8.14 -16.95 20.16
CA TYR A 510 9.23 -16.04 19.87
C TYR A 510 9.13 -14.84 20.80
N VAL A 511 10.23 -14.48 21.45
CA VAL A 511 10.29 -13.16 22.11
C VAL A 511 10.43 -12.11 21.02
N VAL A 512 9.50 -11.17 20.96
CA VAL A 512 9.51 -10.22 19.86
C VAL A 512 8.93 -8.88 20.27
N ARG A 513 9.55 -7.79 19.81
CA ARG A 513 8.92 -6.47 19.97
C ARG A 513 7.84 -6.35 18.91
N LEU A 514 6.57 -6.48 19.33
CA LEU A 514 5.45 -6.49 18.40
C LEU A 514 5.20 -5.10 17.91
N HIS A 515 5.28 -4.94 16.60
CA HIS A 515 5.10 -3.64 16.00
C HIS A 515 3.96 -3.60 14.96
N ASN A 516 4.22 -4.11 13.78
CA ASN A 516 3.23 -4.04 12.70
C ASN A 516 2.20 -5.16 12.87
N PHE A 517 1.21 -4.91 13.74
CA PHE A 517 0.20 -5.92 14.10
C PHE A 517 -1.12 -5.30 14.55
N HIS A 518 -2.16 -6.13 14.58
CA HIS A 518 -3.45 -5.75 15.10
C HIS A 518 -3.82 -6.66 16.25
N GLN A 519 -4.25 -6.10 17.38
CA GLN A 519 -4.73 -6.93 18.49
C GLN A 519 -6.24 -7.15 18.43
N LEU A 520 -6.63 -8.39 18.19
CA LEU A 520 -8.02 -8.71 17.89
C LEU A 520 -8.95 -8.76 19.10
N SER A 521 -8.41 -8.98 20.30
CA SER A 521 -9.24 -9.01 21.51
C SER A 521 -8.40 -8.64 22.70
N ALA A 522 -9.04 -8.20 23.78
CA ALA A 522 -8.33 -7.80 25.00
C ALA A 522 -7.64 -9.02 25.63
N PRO A 523 -6.41 -8.82 26.18
CA PRO A 523 -5.69 -9.95 26.80
C PRO A 523 -6.50 -10.59 27.90
N GLN A 524 -6.30 -11.88 28.11
CA GLN A 524 -6.97 -12.54 29.23
C GLN A 524 -5.95 -13.36 30.00
N PRO A 525 -6.13 -13.55 31.31
CA PRO A 525 -5.18 -14.33 32.10
C PRO A 525 -5.12 -15.79 31.60
N CYS A 526 -3.95 -16.44 31.71
CA CYS A 526 -3.73 -17.78 31.21
C CYS A 526 -3.30 -18.73 32.33
N PHE A 527 -2.06 -18.59 32.81
CA PHE A 527 -1.53 -19.47 33.85
C PHE A 527 -1.10 -18.65 35.03
N THR A 528 -1.34 -19.18 36.24
CA THR A 528 -0.94 -18.51 37.48
C THR A 528 -0.15 -19.47 38.39
N PHE A 529 0.85 -18.93 39.06
CA PHE A 529 1.61 -19.69 40.04
C PHE A 529 1.79 -18.79 41.23
N SER A 530 1.64 -19.38 42.41
CA SER A 530 1.88 -18.70 43.71
C SER A 530 3.11 -19.28 44.39
N HIS A 531 3.81 -18.47 45.15
CA HIS A 531 4.95 -18.97 45.91
C HIS A 531 4.93 -18.41 47.34
N PRO A 532 5.18 -19.27 48.35
CA PRO A 532 5.49 -20.70 48.24
C PRO A 532 4.27 -21.52 47.92
N ASN A 533 4.49 -22.76 47.49
CA ASN A 533 3.40 -23.63 47.11
C ASN A 533 3.03 -24.59 48.24
N ARG A 534 2.09 -24.13 49.08
CA ARG A 534 1.61 -24.94 50.22
C ARG A 534 0.71 -26.09 49.73
N ASP A 535 0.77 -26.33 48.42
CA ASP A 535 0.05 -27.41 47.75
C ASP A 535 0.45 -28.76 48.36
N PRO A 536 -0.56 -29.56 48.80
CA PRO A 536 -0.35 -30.92 49.34
C PRO A 536 0.64 -31.73 48.50
N MET A 537 0.24 -32.07 47.28
CA MET A 537 1.17 -32.60 46.27
C MET A 537 1.20 -31.59 45.11
N ILE A 538 2.39 -31.08 44.80
CA ILE A 538 2.55 -29.97 43.85
C ILE A 538 2.43 -30.44 42.39
N ASP A 539 1.67 -29.68 41.57
CA ASP A 539 1.67 -29.91 40.12
C ASP A 539 1.67 -28.62 39.29
N ASN A 540 2.72 -28.46 38.48
CA ASN A 540 2.93 -27.24 37.70
C ASN A 540 2.33 -27.26 36.30
N ASN A 541 1.95 -28.45 35.83
CA ASN A 541 1.19 -28.62 34.58
C ASN A 541 -0.16 -27.90 34.58
N ARG A 542 -0.65 -27.61 33.38
CA ARG A 542 -1.85 -26.80 33.24
C ARG A 542 -2.52 -27.03 31.92
N TYR A 543 -3.82 -26.72 31.89
CA TYR A 543 -4.63 -26.75 30.69
C TYR A 543 -5.63 -25.64 30.91
N CYS A 544 -5.83 -24.78 29.92
CA CYS A 544 -6.76 -23.67 30.08
C CYS A 544 -7.40 -23.33 28.76
N THR A 545 -8.65 -22.92 28.81
CA THR A 545 -9.41 -22.62 27.60
C THR A 545 -9.80 -21.15 27.57
N LEU A 546 -9.55 -20.46 26.46
CA LEU A 546 -9.93 -19.03 26.39
C LEU A 546 -10.82 -18.72 25.23
N GLU A 547 -11.81 -17.88 25.49
CA GLU A 547 -12.70 -17.41 24.45
C GLU A 547 -12.55 -15.90 24.25
N PHE A 548 -12.18 -15.55 23.03
CA PHE A 548 -11.95 -14.17 22.64
C PHE A 548 -13.03 -13.64 21.70
N PRO A 549 -13.80 -12.61 22.13
CA PRO A 549 -14.78 -11.97 21.26
C PRO A 549 -14.09 -11.17 20.19
N VAL A 550 -14.46 -11.41 18.95
CA VAL A 550 -13.88 -10.72 17.83
C VAL A 550 -14.97 -9.88 17.14
N GLU A 551 -14.70 -8.58 17.04
CA GLU A 551 -15.64 -7.67 16.43
C GLU A 551 -14.98 -6.88 15.28
N VAL A 552 -14.46 -7.62 14.32
CA VAL A 552 -13.99 -7.10 13.05
C VAL A 552 -13.69 -8.32 12.21
N ASN A 553 -13.65 -8.18 10.88
CA ASN A 553 -13.24 -9.29 10.03
C ASN A 553 -11.73 -9.22 10.03
N THR A 554 -11.06 -10.36 9.77
CA THR A 554 -9.59 -10.44 9.85
C THR A 554 -9.05 -11.84 9.64
N VAL A 555 -7.74 -11.99 9.81
CA VAL A 555 -7.05 -13.27 9.75
C VAL A 555 -6.08 -13.45 10.94
N LEU A 556 -6.28 -14.51 11.72
CA LEU A 556 -5.49 -14.80 12.92
C LEU A 556 -4.18 -15.43 12.52
N HIS A 557 -3.07 -14.88 13.04
CA HIS A 557 -1.74 -15.41 12.74
C HIS A 557 -1.01 -15.82 14.00
N GLY A 558 -1.64 -15.66 15.16
CA GLY A 558 -0.97 -16.03 16.41
C GLY A 558 -1.43 -15.27 17.63
N PHE A 559 -0.77 -15.54 18.75
CA PHE A 559 -1.11 -14.96 20.05
C PHE A 559 0.08 -14.29 20.71
N ALA A 560 -0.10 -13.03 21.09
CA ALA A 560 0.86 -12.31 21.93
C ALA A 560 0.70 -12.71 23.37
N GLY A 561 1.76 -13.15 24.02
CA GLY A 561 1.66 -13.37 25.45
C GLY A 561 2.33 -12.23 26.22
N TYR A 562 1.82 -11.97 27.43
CA TYR A 562 2.41 -10.95 28.29
C TYR A 562 2.31 -11.52 29.71
N PHE A 563 2.76 -10.76 30.71
CA PHE A 563 2.61 -11.24 32.07
C PHE A 563 2.46 -10.12 33.08
N GLU A 564 1.94 -10.51 34.25
CA GLU A 564 1.91 -9.66 35.43
C GLU A 564 2.50 -10.45 36.60
N THR A 565 3.13 -9.73 37.54
CA THR A 565 3.61 -10.37 38.78
C THR A 565 3.49 -9.48 40.00
N VAL A 566 3.10 -10.11 41.11
CA VAL A 566 3.12 -9.46 42.40
C VAL A 566 4.42 -9.81 43.10
N LEU A 567 5.22 -8.76 43.35
CA LEU A 567 6.43 -8.88 44.13
C LEU A 567 6.09 -9.00 45.62
N TYR A 568 5.53 -7.92 46.16
CA TYR A 568 4.98 -7.90 47.52
C TYR A 568 3.79 -6.95 47.56
N GLN A 569 2.69 -7.45 48.11
CA GLN A 569 1.45 -6.68 48.28
C GLN A 569 1.05 -5.89 47.04
N ASP A 570 1.16 -4.56 47.12
CA ASP A 570 0.76 -3.74 46.00
C ASP A 570 1.92 -3.48 45.05
N ILE A 571 3.12 -3.91 45.39
CA ILE A 571 4.24 -3.61 44.52
C ILE A 571 4.37 -4.66 43.42
N THR A 572 4.18 -4.22 42.18
CA THR A 572 4.10 -5.12 41.04
C THR A 572 4.98 -4.71 39.86
N LEU A 573 5.10 -5.62 38.91
CA LEU A 573 5.63 -5.33 37.56
C LEU A 573 4.72 -5.97 36.50
N SER A 574 4.65 -5.34 35.34
CA SER A 574 3.75 -5.81 34.29
C SER A 574 4.22 -5.44 32.87
N ILE A 575 4.00 -6.35 31.92
CA ILE A 575 4.12 -6.03 30.49
C ILE A 575 2.81 -6.15 29.70
N ARG A 576 1.74 -6.53 30.41
CA ARG A 576 0.39 -6.35 29.92
C ARG A 576 0.15 -4.88 29.62
N PRO A 577 -0.12 -4.55 28.35
CA PRO A 577 -0.26 -3.17 27.87
C PRO A 577 -1.17 -2.29 28.72
N GLU A 578 -2.27 -2.81 29.22
CA GLU A 578 -3.23 -2.02 30.02
C GLU A 578 -2.71 -1.65 31.42
N THR A 579 -1.61 -2.28 31.85
CA THR A 579 -1.04 -2.07 33.18
C THR A 579 0.49 -2.03 33.09
N HIS A 580 1.01 -1.71 31.91
CA HIS A 580 2.45 -1.78 31.66
C HIS A 580 3.19 -0.89 32.64
N SER A 581 4.35 -1.32 33.10
CA SER A 581 5.14 -0.58 34.06
C SER A 581 5.93 0.49 33.34
N PRO A 582 5.65 1.77 33.62
CA PRO A 582 6.22 2.88 32.84
C PRO A 582 7.74 2.86 32.82
N GLY A 583 8.32 2.82 31.62
CA GLY A 583 9.77 2.83 31.44
C GLY A 583 10.54 1.52 31.58
N MET A 584 9.85 0.44 31.96
CA MET A 584 10.49 -0.87 32.08
C MET A 584 10.71 -1.51 30.72
N PHE A 585 11.98 -1.67 30.32
CA PHE A 585 12.28 -2.28 29.02
C PHE A 585 12.77 -3.73 29.11
N SER A 586 12.75 -4.29 30.30
CA SER A 586 13.39 -5.56 30.55
C SER A 586 12.78 -6.78 29.84
N TRP A 587 11.49 -6.73 29.51
CA TRP A 587 10.85 -7.80 28.75
C TRP A 587 10.03 -7.32 27.55
N PHE A 588 10.30 -7.89 26.38
CA PHE A 588 9.37 -7.78 25.25
C PHE A 588 8.24 -8.79 25.45
N PRO A 589 7.13 -8.64 24.70
CA PRO A 589 6.11 -9.71 24.66
C PRO A 589 6.60 -10.98 23.96
N ILE A 590 5.83 -12.06 24.06
CA ILE A 590 6.15 -13.32 23.38
C ILE A 590 5.16 -13.53 22.24
N LEU A 591 5.57 -14.28 21.22
CA LEU A 591 4.63 -14.64 20.18
C LEU A 591 4.44 -16.15 20.08
N PHE A 592 3.21 -16.57 20.07
CA PHE A 592 2.87 -17.95 19.74
C PHE A 592 2.24 -17.94 18.36
N PRO A 593 2.96 -18.40 17.34
CA PRO A 593 2.41 -18.51 15.98
C PRO A 593 1.46 -19.69 15.82
N ILE A 594 0.81 -19.78 14.65
CA ILE A 594 0.06 -20.99 14.24
C ILE A 594 0.39 -21.39 12.78
N LYS A 595 0.55 -22.69 12.54
CA LYS A 595 0.94 -23.26 11.24
C LYS A 595 0.18 -22.70 10.06
N GLN A 596 -1.11 -22.40 10.26
CA GLN A 596 -1.93 -21.91 9.18
C GLN A 596 -2.78 -20.79 9.68
N PRO A 597 -2.89 -19.70 8.91
CA PRO A 597 -3.71 -18.56 9.34
C PRO A 597 -5.17 -18.88 9.20
N ILE A 598 -6.00 -18.29 10.07
CA ILE A 598 -7.40 -18.65 10.16
C ILE A 598 -8.27 -17.41 10.03
N THR A 599 -9.20 -17.47 9.08
CA THR A 599 -10.11 -16.36 8.81
C THR A 599 -11.10 -16.27 9.95
N VAL A 600 -11.44 -15.06 10.38
CA VAL A 600 -12.41 -14.86 11.45
C VAL A 600 -13.42 -13.78 11.05
N ARG A 601 -14.70 -14.15 10.99
CA ARG A 601 -15.75 -13.19 10.67
C ARG A 601 -16.05 -12.29 11.84
N GLU A 602 -16.28 -11.02 11.53
CA GLU A 602 -16.79 -10.07 12.50
C GLU A 602 -17.99 -10.68 13.23
N GLY A 603 -17.93 -10.70 14.54
CA GLY A 603 -19.00 -11.28 15.35
C GLY A 603 -18.61 -12.57 16.06
N GLN A 604 -17.56 -13.25 15.57
CA GLN A 604 -17.24 -14.60 16.04
C GLN A 604 -16.37 -14.67 17.30
N THR A 605 -16.25 -15.89 17.83
CA THR A 605 -15.43 -16.10 18.99
C THR A 605 -14.24 -16.98 18.66
N ILE A 606 -13.05 -16.54 19.07
CA ILE A 606 -11.87 -17.36 18.95
C ILE A 606 -11.70 -18.14 20.24
N CYS A 607 -11.77 -19.46 20.14
CA CYS A 607 -11.44 -20.32 21.27
C CYS A 607 -10.05 -20.92 20.99
N VAL A 608 -9.19 -20.85 22.00
CA VAL A 608 -7.83 -21.38 21.86
C VAL A 608 -7.60 -22.20 23.10
N ARG A 609 -6.49 -22.89 23.21
CA ARG A 609 -6.37 -23.71 24.40
C ARG A 609 -4.92 -23.78 24.64
N PHE A 610 -4.48 -23.80 25.87
CA PHE A 610 -3.07 -23.91 26.10
C PHE A 610 -2.87 -24.97 27.13
N TRP A 611 -1.82 -25.77 26.94
CA TRP A 611 -1.38 -26.67 27.96
C TRP A 611 0.05 -26.37 28.31
N ARG A 612 0.35 -26.37 29.60
CA ARG A 612 1.72 -26.45 30.10
C ARG A 612 2.00 -27.89 30.46
N CYS A 613 3.09 -28.43 29.92
CA CYS A 613 3.40 -29.85 30.02
C CYS A 613 4.80 -30.03 30.56
N SER A 614 5.09 -31.24 31.05
CA SER A 614 6.43 -31.51 31.56
C SER A 614 6.72 -32.97 31.80
N ASN A 615 8.01 -33.31 31.80
CA ASN A 615 8.47 -34.52 32.44
C ASN A 615 9.60 -34.11 33.38
N SER A 616 10.47 -35.03 33.76
CA SER A 616 11.54 -34.69 34.71
C SER A 616 12.65 -33.88 34.04
N LYS A 617 12.72 -33.97 32.72
CA LYS A 617 13.83 -33.40 31.95
C LYS A 617 13.53 -32.04 31.32
N LYS A 618 12.26 -31.75 31.03
CA LYS A 618 11.90 -30.55 30.28
C LYS A 618 10.46 -30.15 30.45
N VAL A 619 10.20 -28.86 30.25
CA VAL A 619 8.85 -28.30 30.31
C VAL A 619 8.57 -27.67 28.97
N TRP A 620 7.33 -27.78 28.49
CA TRP A 620 6.92 -27.16 27.21
C TRP A 620 5.45 -26.76 27.18
N TYR A 621 5.09 -25.91 26.21
CA TYR A 621 3.70 -25.52 25.94
C TYR A 621 3.18 -26.19 24.65
N GLU A 622 1.86 -26.36 24.59
CA GLU A 622 1.22 -26.95 23.41
C GLU A 622 -0.10 -26.23 23.37
N TRP A 623 -0.63 -25.98 22.18
CA TRP A 623 -1.79 -25.11 22.09
C TRP A 623 -2.54 -25.38 20.80
N ALA A 624 -3.84 -25.06 20.80
CA ALA A 624 -4.67 -25.15 19.61
C ALA A 624 -5.78 -24.12 19.61
N VAL A 625 -6.28 -23.80 18.42
CA VAL A 625 -7.51 -23.07 18.25
C VAL A 625 -8.66 -24.06 17.98
N THR A 626 -9.77 -23.93 18.70
CA THR A 626 -10.91 -24.78 18.47
C THR A 626 -12.10 -24.07 17.82
N ALA A 627 -12.08 -22.74 17.83
CA ALA A 627 -13.15 -21.98 17.17
C ALA A 627 -12.52 -20.73 16.58
N PRO A 628 -13.00 -20.28 15.41
CA PRO A 628 -14.18 -20.74 14.66
C PRO A 628 -13.94 -22.01 13.84
N VAL A 629 -12.69 -22.40 13.71
CA VAL A 629 -12.30 -23.69 13.14
C VAL A 629 -11.17 -24.25 14.00
N CYS A 630 -10.76 -25.49 13.73
CA CYS A 630 -9.68 -26.08 14.47
C CYS A 630 -8.37 -25.89 13.77
N SER A 631 -7.32 -25.86 14.56
CA SER A 631 -6.00 -25.96 14.02
C SER A 631 -5.47 -27.32 14.45
N ALA A 632 -4.34 -27.70 13.88
CA ALA A 632 -3.55 -28.76 14.43
C ALA A 632 -3.15 -28.40 15.86
N ILE A 633 -3.21 -29.38 16.75
CA ILE A 633 -2.52 -29.29 18.03
C ILE A 633 -1.04 -29.05 17.74
N HIS A 634 -0.51 -27.95 18.29
CA HIS A 634 0.81 -27.47 18.00
C HIS A 634 1.79 -28.03 18.97
N ASN A 635 2.97 -28.36 18.47
CA ASN A 635 4.06 -28.80 19.37
C ASN A 635 3.86 -30.09 20.23
N PRO A 636 2.98 -31.00 19.76
CA PRO A 636 2.71 -32.23 20.55
C PRO A 636 3.94 -32.95 20.98
N THR A 637 4.17 -33.10 22.27
CA THR A 637 5.36 -33.80 22.77
C THR A 637 6.59 -32.91 22.98
N GLY A 638 6.48 -31.62 22.68
CA GLY A 638 7.67 -30.77 22.72
C GLY A 638 8.61 -31.15 21.60
N ARG A 639 8.03 -31.65 20.51
CA ARG A 639 8.82 -32.13 19.38
C ARG A 639 9.52 -30.97 18.68
N SER A 640 8.92 -29.79 18.70
CA SER A 640 9.57 -28.68 18.05
C SER A 640 10.36 -27.81 19.02
N TYR A 641 9.94 -27.76 20.27
CA TYR A 641 10.70 -27.02 21.29
C TYR A 641 10.34 -27.42 22.71
N THR A 642 11.35 -27.52 23.58
CA THR A 642 11.17 -27.67 25.03
C THR A 642 12.17 -26.79 25.79
N ILE A 643 11.93 -26.56 27.07
CA ILE A 643 12.89 -25.86 27.93
C ILE A 643 13.49 -26.88 28.90
N GLY A 644 14.82 -27.03 28.88
CA GLY A 644 15.51 -28.03 29.67
C GLY A 644 15.51 -27.80 31.17
N LEU A 645 15.23 -28.87 31.93
CA LEU A 645 15.26 -28.84 33.41
C LEU A 645 16.62 -29.23 33.96
N GLU B 24 11.46 19.60 -47.06
CA GLU B 24 11.81 20.80 -46.22
C GLU B 24 12.01 22.07 -47.07
N TRP B 25 10.91 22.63 -47.57
CA TRP B 25 11.00 23.82 -48.46
C TRP B 25 11.39 25.09 -47.69
N ASN B 26 10.82 25.29 -46.50
CA ASN B 26 11.23 26.41 -45.63
C ASN B 26 11.14 26.11 -44.12
N LEU B 27 10.21 25.22 -43.72
CA LEU B 27 9.84 25.03 -42.25
C LEU B 27 9.80 26.42 -41.55
N PRO B 28 8.72 27.22 -41.88
CA PRO B 28 8.59 28.66 -41.52
C PRO B 28 8.75 28.93 -39.99
N PRO B 29 8.87 30.21 -39.59
CA PRO B 29 9.42 30.56 -38.26
C PRO B 29 8.64 29.95 -37.09
N ASN B 30 9.37 29.48 -36.08
CA ASN B 30 8.81 28.86 -34.85
C ASN B 30 8.43 27.37 -34.95
N ALA B 31 8.33 26.85 -36.18
CA ALA B 31 8.10 25.41 -36.39
C ALA B 31 9.36 24.63 -35.98
N PRO B 32 9.18 23.50 -35.28
CA PRO B 32 10.33 22.71 -34.85
C PRO B 32 10.96 21.93 -36.01
N ALA B 33 12.25 21.60 -35.88
CA ALA B 33 13.00 20.91 -36.92
C ALA B 33 12.37 19.58 -37.35
N CYS B 34 12.06 18.73 -36.37
CA CYS B 34 11.52 17.39 -36.64
C CYS B 34 10.14 17.12 -36.04
N MET B 35 9.37 16.26 -36.71
CA MET B 35 8.02 15.88 -36.26
C MET B 35 7.98 14.48 -35.70
N GLU B 36 7.56 14.37 -34.44
CA GLU B 36 7.55 13.09 -33.70
C GLU B 36 6.73 11.98 -34.38
N ARG B 37 7.25 10.76 -34.29
CA ARG B 37 6.77 9.61 -35.07
C ARG B 37 5.29 9.29 -34.89
N GLN B 38 4.79 9.42 -33.66
CA GLN B 38 3.45 8.92 -33.36
C GLN B 38 2.36 9.95 -33.59
N LEU B 39 1.73 9.87 -34.75
CA LEU B 39 0.65 10.77 -35.12
C LEU B 39 -0.65 10.41 -34.39
N GLU B 40 -1.14 11.33 -33.56
CA GLU B 40 -2.31 11.09 -32.73
C GLU B 40 -3.65 11.54 -33.32
N ALA B 41 -3.64 12.63 -34.09
CA ALA B 41 -4.89 13.24 -34.60
C ALA B 41 -4.75 13.99 -35.94
N ALA B 42 -5.85 14.09 -36.66
CA ALA B 42 -5.92 14.77 -37.96
C ALA B 42 -7.32 15.36 -38.20
N ARG B 43 -7.39 16.68 -38.40
CA ARG B 43 -8.67 17.39 -38.50
C ARG B 43 -8.73 18.41 -39.63
N TYR B 44 -9.61 18.18 -40.59
CA TYR B 44 -9.88 19.17 -41.64
C TYR B 44 -10.65 20.38 -41.11
N ARG B 45 -10.17 21.57 -41.45
CA ARG B 45 -10.90 22.82 -41.23
C ARG B 45 -11.88 22.98 -42.41
N SER B 46 -12.98 23.69 -42.21
CA SER B 46 -13.95 23.97 -43.30
C SER B 46 -13.24 24.65 -44.48
N ASP B 47 -12.22 25.42 -44.13
CA ASP B 47 -11.25 26.04 -45.04
C ASP B 47 -10.63 25.06 -46.04
N GLY B 48 -10.34 23.83 -45.59
CA GLY B 48 -9.69 22.80 -46.44
C GLY B 48 -8.30 22.39 -46.00
N ALA B 49 -7.77 23.10 -45.00
CA ALA B 49 -6.44 22.84 -44.43
C ALA B 49 -6.45 21.64 -43.48
N LEU B 50 -5.26 21.15 -43.11
CA LEU B 50 -5.17 19.98 -42.22
C LEU B 50 -4.38 20.22 -40.94
N LEU B 51 -5.06 20.02 -39.81
CA LEU B 51 -4.47 20.09 -38.47
C LEU B 51 -3.93 18.72 -38.05
N LEU B 52 -2.71 18.71 -37.54
CA LEU B 52 -2.07 17.48 -37.06
C LEU B 52 -1.62 17.57 -35.60
N GLY B 53 -1.88 16.49 -34.85
CA GLY B 53 -1.32 16.31 -33.51
C GLY B 53 -0.30 15.18 -33.53
N ALA B 54 0.80 15.35 -32.80
CA ALA B 54 1.84 14.31 -32.75
C ALA B 54 2.52 14.18 -31.38
N SER B 55 2.69 12.92 -30.95
CA SER B 55 3.37 12.62 -29.68
C SER B 55 4.68 11.93 -29.99
N SER B 56 5.64 12.17 -29.10
CA SER B 56 6.83 11.32 -28.99
C SER B 56 6.59 10.32 -27.84
N LEU B 57 6.31 9.07 -28.19
CA LEU B 57 5.88 8.08 -27.21
C LEU B 57 6.97 7.06 -26.82
N SER B 58 8.19 7.32 -27.27
CA SER B 58 9.33 6.45 -26.99
C SER B 58 10.59 7.25 -27.28
N GLY B 59 11.76 6.70 -26.93
CA GLY B 59 13.00 7.45 -27.04
C GLY B 59 13.23 8.46 -25.91
N ARG B 60 14.27 9.29 -26.06
CA ARG B 60 14.68 10.20 -24.98
C ARG B 60 13.58 11.15 -24.50
N CYS B 61 13.03 11.96 -25.40
CA CYS B 61 12.10 13.02 -25.01
CA CYS B 61 12.11 13.03 -25.04
C CYS B 61 10.66 12.63 -25.27
N TRP B 62 9.83 12.75 -24.23
CA TRP B 62 8.45 12.35 -24.36
C TRP B 62 7.57 13.57 -24.52
N ALA B 63 7.53 14.09 -25.75
CA ALA B 63 6.88 15.35 -26.01
C ALA B 63 5.79 15.23 -27.05
N GLY B 64 5.38 16.38 -27.58
CA GLY B 64 4.37 16.44 -28.60
C GLY B 64 4.47 17.74 -29.37
N SER B 65 3.73 17.80 -30.48
CA SER B 65 3.78 18.95 -31.36
C SER B 65 2.47 19.15 -32.13
N LEU B 66 2.32 20.37 -32.64
CA LEU B 66 1.14 20.79 -33.41
C LEU B 66 1.56 21.34 -34.77
N TRP B 67 0.75 21.05 -35.79
CA TRP B 67 1.07 21.39 -37.17
C TRP B 67 -0.16 21.84 -37.96
N LEU B 68 0.05 22.83 -38.83
CA LEU B 68 -0.95 23.19 -39.86
C LEU B 68 -0.38 23.01 -41.26
N PHE B 69 -1.14 22.30 -42.09
CA PHE B 69 -0.75 21.98 -43.45
C PHE B 69 -1.79 22.47 -44.46
N LYS B 70 -1.60 23.69 -44.97
CA LYS B 70 -2.52 24.25 -45.98
C LYS B 70 -2.47 23.44 -47.26
N ASP B 71 -1.31 22.88 -47.58
CA ASP B 71 -1.22 21.82 -48.58
C ASP B 71 -1.41 20.46 -47.88
N PRO B 72 -2.61 19.88 -48.03
CA PRO B 72 -2.93 18.63 -47.34
C PRO B 72 -2.19 17.43 -47.93
N CYS B 73 -1.84 17.51 -49.21
CA CYS B 73 -1.12 16.41 -49.88
C CYS B 73 0.35 16.34 -49.48
N ALA B 74 0.84 17.41 -48.84
CA ALA B 74 2.27 17.60 -48.51
C ALA B 74 2.67 17.11 -47.13
N ALA B 75 1.68 16.75 -46.31
CA ALA B 75 1.93 16.18 -44.99
C ALA B 75 2.45 14.75 -45.10
N PRO B 76 3.27 14.28 -44.14
CA PRO B 76 3.70 14.88 -42.86
C PRO B 76 5.02 15.66 -42.94
N ASN B 77 5.52 15.84 -44.16
CA ASN B 77 6.79 16.54 -44.48
C ASN B 77 6.94 17.94 -43.85
N GLU B 78 7.89 18.07 -42.92
CA GLU B 78 8.02 19.27 -42.06
C GLU B 78 8.24 20.60 -42.77
N GLY B 79 9.06 20.60 -43.81
CA GLY B 79 9.37 21.82 -44.55
C GLY B 79 8.21 22.39 -45.36
N PHE B 80 7.30 21.53 -45.81
CA PHE B 80 6.12 21.96 -46.59
C PHE B 80 4.88 22.19 -45.70
N CYS B 81 5.08 22.84 -44.55
CA CYS B 81 3.98 23.16 -43.65
C CYS B 81 3.79 24.68 -43.52
N SER B 82 2.58 25.08 -43.16
CA SER B 82 2.27 26.49 -42.97
C SER B 82 2.73 27.01 -41.61
N ALA B 83 2.50 26.20 -40.56
CA ALA B 83 2.96 26.52 -39.21
C ALA B 83 3.21 25.25 -38.37
N GLY B 84 4.03 25.39 -37.34
CA GLY B 84 4.34 24.30 -36.40
C GLY B 84 4.78 24.79 -35.02
N VAL B 85 4.59 23.94 -34.00
CA VAL B 85 5.01 24.28 -32.63
C VAL B 85 5.14 23.08 -31.68
N GLN B 86 6.26 23.04 -30.94
CA GLN B 86 6.48 22.05 -29.91
C GLN B 86 5.56 22.32 -28.73
N THR B 87 4.75 21.32 -28.38
CA THR B 87 4.08 21.32 -27.09
C THR B 87 5.03 20.75 -26.07
N GLU B 88 4.73 20.94 -24.80
CA GLU B 88 5.50 20.54 -23.63
C GLU B 88 5.50 19.00 -23.53
N ALA B 89 4.26 18.40 -23.37
CA ALA B 89 4.09 16.97 -23.29
C ALA B 89 3.37 16.47 -24.54
N GLY B 90 3.13 15.16 -24.59
CA GLY B 90 2.52 14.53 -25.76
C GLY B 90 1.08 14.97 -25.90
N VAL B 91 0.51 14.73 -27.06
CA VAL B 91 -0.88 15.13 -27.26
C VAL B 91 -1.69 13.86 -27.33
N ALA B 92 -2.60 13.72 -26.38
CA ALA B 92 -3.44 12.53 -26.29
C ALA B 92 -4.66 12.64 -27.17
N ASP B 93 -5.16 13.88 -27.32
CA ASP B 93 -6.30 14.21 -28.19
C ASP B 93 -6.29 15.71 -28.50
N LEU B 94 -7.05 16.11 -29.52
CA LEU B 94 -7.27 17.53 -29.83
C LEU B 94 -8.52 17.75 -30.66
N THR B 95 -8.84 19.03 -30.85
CA THR B 95 -9.96 19.46 -31.71
C THR B 95 -9.80 20.93 -32.10
N TRP B 96 -10.31 21.26 -33.28
CA TRP B 96 -10.42 22.65 -33.72
C TRP B 96 -11.38 23.41 -32.82
N VAL B 97 -11.05 24.67 -32.54
CA VAL B 97 -11.98 25.63 -31.96
C VAL B 97 -12.25 26.72 -33.01
N GLY B 98 -13.49 26.78 -33.47
CA GLY B 98 -13.86 27.69 -34.54
C GLY B 98 -12.97 27.47 -35.74
N GLU B 99 -12.06 28.43 -35.96
CA GLU B 99 -11.29 28.46 -37.21
C GLU B 99 -9.78 28.70 -36.98
N ARG B 100 -9.44 29.39 -35.89
CA ARG B 100 -8.02 29.55 -35.57
C ARG B 100 -7.61 28.88 -34.25
N GLY B 101 -8.57 28.33 -33.51
CA GLY B 101 -8.32 27.73 -32.20
C GLY B 101 -8.02 26.24 -32.22
N ILE B 102 -7.04 25.82 -31.42
CA ILE B 102 -6.67 24.40 -31.28
C ILE B 102 -6.63 24.00 -29.81
N LEU B 103 -7.55 23.11 -29.43
CA LEU B 103 -7.71 22.70 -28.03
C LEU B 103 -7.06 21.33 -27.78
N VAL B 104 -6.16 21.25 -26.80
CA VAL B 104 -5.30 20.07 -26.63
C VAL B 104 -5.38 19.32 -25.28
N ALA B 105 -5.55 18.00 -25.39
CA ALA B 105 -5.52 17.07 -24.25
C ALA B 105 -4.09 16.58 -24.00
N SER B 106 -3.46 17.07 -22.94
CA SER B 106 -2.08 16.71 -22.64
C SER B 106 -1.86 15.51 -21.70
N ASP B 107 -0.74 14.81 -21.90
CA ASP B 107 -0.16 13.92 -20.91
C ASP B 107 0.07 14.60 -19.55
N SER B 108 0.40 15.88 -19.57
CA SER B 108 0.73 16.64 -18.35
C SER B 108 -0.43 16.76 -17.37
N GLY B 109 -1.62 16.37 -17.82
CA GLY B 109 -2.85 16.54 -17.03
C GLY B 109 -3.45 17.91 -17.32
N ALA B 110 -2.85 18.60 -18.27
CA ALA B 110 -3.33 19.90 -18.67
C ALA B 110 -4.22 19.79 -19.88
N VAL B 111 -5.25 20.63 -19.89
CA VAL B 111 -5.92 21.03 -21.11
C VAL B 111 -5.29 22.35 -21.50
N GLU B 112 -4.81 22.45 -22.75
CA GLU B 112 -4.27 23.70 -23.28
C GLU B 112 -4.99 24.17 -24.55
N LEU B 113 -5.07 25.50 -24.69
CA LEU B 113 -5.59 26.15 -25.91
C LEU B 113 -4.49 26.91 -26.61
N TRP B 114 -4.27 26.55 -27.87
CA TRP B 114 -3.36 27.25 -28.76
C TRP B 114 -4.19 27.97 -29.82
N GLU B 115 -3.87 29.25 -30.05
CA GLU B 115 -4.56 30.01 -31.08
C GLU B 115 -3.62 30.41 -32.21
N LEU B 116 -4.05 30.09 -33.42
CA LEU B 116 -3.31 30.31 -34.65
C LEU B 116 -3.00 31.80 -34.92
N ASP B 117 -1.87 32.04 -35.60
CA ASP B 117 -1.43 33.39 -36.01
C ASP B 117 -2.48 34.08 -36.87
N GLU B 118 -2.46 35.41 -36.90
CA GLU B 118 -3.29 36.18 -37.83
C GLU B 118 -2.92 35.90 -39.29
N ASN B 119 -1.63 35.79 -39.58
CA ASN B 119 -1.16 35.37 -40.90
C ASN B 119 -1.20 33.86 -41.03
N GLU B 120 -1.33 33.20 -39.87
CA GLU B 120 -1.37 31.74 -39.72
C GLU B 120 -0.04 31.06 -40.08
N THR B 121 1.05 31.62 -39.52
CA THR B 121 2.43 31.16 -39.77
C THR B 121 3.19 30.97 -38.46
N LEU B 122 2.34 31.07 -37.42
CA LEU B 122 2.89 31.02 -36.07
C LEU B 122 1.75 30.41 -35.21
N ILE B 123 2.12 29.60 -34.10
CA ILE B 123 1.05 29.01 -33.29
C ILE B 123 1.33 29.28 -31.82
N VAL B 124 0.44 30.03 -31.18
CA VAL B 124 0.75 30.57 -29.86
C VAL B 124 -0.13 30.03 -28.70
N SER B 125 0.53 29.79 -27.57
CA SER B 125 -0.14 29.40 -26.34
C SER B 125 -1.15 30.46 -25.99
N LYS B 126 -2.31 30.04 -25.50
CA LYS B 126 -3.33 30.99 -25.06
C LYS B 126 -3.63 30.77 -23.58
N PHE B 127 -4.00 29.54 -23.23
CA PHE B 127 -3.95 29.09 -21.84
C PHE B 127 -3.49 27.64 -21.74
N CYS B 128 -2.92 27.31 -20.59
CA CYS B 128 -2.50 25.96 -20.27
C CYS B 128 -2.89 25.80 -18.81
N LYS B 129 -3.96 25.05 -18.57
CA LYS B 129 -4.44 24.83 -17.19
C LYS B 129 -4.27 23.40 -16.69
N TYR B 130 -3.46 23.27 -15.63
CA TYR B 130 -3.19 21.97 -15.01
C TYR B 130 -4.28 21.65 -13.99
N GLU B 131 -5.36 21.04 -14.48
CA GLU B 131 -6.55 20.82 -13.64
C GLU B 131 -6.88 19.33 -13.40
N HIS B 132 -6.39 18.47 -14.30
CA HIS B 132 -6.55 17.04 -14.13
C HIS B 132 -5.35 16.46 -13.38
N ASP B 133 -5.60 15.40 -12.61
CA ASP B 133 -4.59 14.78 -11.75
C ASP B 133 -3.75 13.72 -12.46
N ASP B 134 -4.12 13.43 -13.71
CA ASP B 134 -3.50 12.40 -14.51
C ASP B 134 -3.71 12.82 -15.97
N ILE B 135 -3.05 12.12 -16.90
CA ILE B 135 -3.21 12.32 -18.34
C ILE B 135 -4.66 12.65 -18.73
N VAL B 136 -4.82 13.73 -19.49
CA VAL B 136 -6.07 14.08 -20.14
C VAL B 136 -6.07 13.30 -21.44
N SER B 137 -7.12 12.51 -21.67
CA SER B 137 -7.07 11.55 -22.76
C SER B 137 -8.07 11.85 -23.86
N THR B 138 -9.11 12.61 -23.50
CA THR B 138 -10.15 12.94 -24.48
C THR B 138 -10.67 14.36 -24.28
N VAL B 139 -10.99 15.02 -25.39
CA VAL B 139 -11.43 16.40 -25.37
C VAL B 139 -12.42 16.60 -26.51
N SER B 140 -13.45 17.41 -26.25
CA SER B 140 -14.51 17.65 -27.23
C SER B 140 -15.08 19.05 -27.09
N VAL B 141 -15.41 19.68 -28.22
CA VAL B 141 -15.99 21.04 -28.24
C VAL B 141 -17.52 21.03 -28.36
N LEU B 142 -18.16 21.72 -27.42
CA LEU B 142 -19.62 21.85 -27.37
C LEU B 142 -20.19 22.75 -28.47
N SER B 143 -21.43 22.46 -28.86
CA SER B 143 -22.08 23.07 -30.04
C SER B 143 -21.88 24.60 -30.24
N SER B 144 -22.11 25.39 -29.19
CA SER B 144 -21.97 26.86 -29.27
C SER B 144 -20.56 27.31 -29.65
N GLY B 145 -19.57 26.54 -29.19
CA GLY B 145 -18.16 26.83 -29.48
C GLY B 145 -17.52 27.68 -28.39
N THR B 146 -18.26 27.99 -27.33
CA THR B 146 -17.73 28.76 -26.20
C THR B 146 -17.23 27.87 -25.07
N GLN B 147 -17.70 26.63 -25.06
CA GLN B 147 -17.41 25.68 -23.98
C GLN B 147 -16.87 24.34 -24.49
N ALA B 148 -16.15 23.66 -23.62
CA ALA B 148 -15.63 22.33 -23.93
C ALA B 148 -15.66 21.40 -22.72
N VAL B 149 -15.71 20.11 -23.02
CA VAL B 149 -15.68 19.03 -22.02
C VAL B 149 -14.48 18.11 -22.31
N SER B 150 -13.76 17.77 -21.25
CA SER B 150 -12.61 16.88 -21.34
C SER B 150 -12.76 15.68 -20.41
N GLY B 151 -12.08 14.59 -20.76
CA GLY B 151 -12.04 13.37 -19.94
C GLY B 151 -10.61 12.90 -19.64
N SER B 152 -10.42 12.30 -18.48
CA SER B 152 -9.08 11.96 -18.02
C SER B 152 -8.97 10.56 -17.40
N LYS B 153 -7.74 10.11 -17.19
CA LYS B 153 -7.45 8.90 -16.43
C LYS B 153 -7.66 9.09 -14.94
N ASP B 154 -7.73 10.34 -14.49
CA ASP B 154 -8.08 10.64 -13.09
C ASP B 154 -9.55 10.36 -12.81
N ILE B 155 -10.29 9.91 -13.83
CA ILE B 155 -11.68 9.44 -13.70
C ILE B 155 -12.70 10.61 -13.69
N CYS B 156 -12.20 11.84 -13.67
CA CYS B 156 -13.03 13.04 -13.71
C CYS B 156 -13.40 13.48 -15.12
N ILE B 157 -14.53 14.18 -15.24
CA ILE B 157 -14.95 14.84 -16.49
C ILE B 157 -15.18 16.32 -16.14
N LYS B 158 -14.66 17.23 -16.96
CA LYS B 158 -14.69 18.65 -16.61
C LYS B 158 -15.29 19.51 -17.72
N VAL B 159 -16.05 20.53 -17.32
CA VAL B 159 -16.65 21.46 -18.29
C VAL B 159 -16.00 22.84 -18.21
N TRP B 160 -15.52 23.31 -19.36
CA TRP B 160 -14.70 24.50 -19.41
C TRP B 160 -15.41 25.68 -20.04
N ASP B 161 -15.20 26.86 -19.45
CA ASP B 161 -15.48 28.12 -20.14
C ASP B 161 -14.21 28.51 -20.89
N LEU B 162 -14.26 28.40 -22.22
CA LEU B 162 -13.08 28.63 -23.05
C LEU B 162 -12.66 30.09 -23.08
N ALA B 163 -13.64 30.99 -23.08
CA ALA B 163 -13.41 32.43 -23.00
C ALA B 163 -12.81 32.82 -21.64
N GLN B 164 -13.35 32.25 -20.57
CA GLN B 164 -12.91 32.52 -19.21
C GLN B 164 -11.60 31.84 -18.80
N GLN B 165 -11.24 30.76 -19.50
CA GLN B 165 -10.11 29.91 -19.11
C GLN B 165 -10.30 29.30 -17.71
N VAL B 166 -11.50 28.80 -17.41
CA VAL B 166 -11.73 28.15 -16.13
C VAL B 166 -12.56 26.88 -16.24
N VAL B 167 -12.41 26.00 -15.24
CA VAL B 167 -13.29 24.87 -15.05
C VAL B 167 -14.54 25.41 -14.38
N LEU B 168 -15.69 25.21 -15.04
CA LEU B 168 -16.98 25.60 -14.47
C LEU B 168 -17.54 24.47 -13.61
N SER B 169 -17.61 23.26 -14.19
CA SER B 169 -18.10 22.06 -13.51
C SER B 169 -17.11 20.90 -13.54
N SER B 170 -17.10 20.10 -12.47
CA SER B 170 -16.31 18.87 -12.36
C SER B 170 -17.21 17.66 -12.01
N TYR B 171 -17.02 16.54 -12.70
CA TYR B 171 -17.87 15.37 -12.48
C TYR B 171 -17.10 14.05 -12.30
N ARG B 172 -17.22 13.45 -11.12
CA ARG B 172 -16.74 12.09 -10.88
C ARG B 172 -17.89 11.10 -11.05
N ALA B 173 -18.35 10.91 -12.28
CA ALA B 173 -19.45 9.99 -12.52
C ALA B 173 -18.96 8.56 -12.64
N HIS B 174 -17.76 8.41 -13.22
CA HIS B 174 -17.20 7.09 -13.54
C HIS B 174 -16.39 6.48 -12.41
N ALA B 175 -16.14 5.18 -12.54
CA ALA B 175 -15.37 4.44 -11.53
C ALA B 175 -14.02 3.97 -12.08
N ALA B 176 -13.75 4.32 -13.34
CA ALA B 176 -12.47 4.03 -13.99
C ALA B 176 -12.12 5.15 -14.99
N GLN B 177 -10.92 5.08 -15.56
CA GLN B 177 -10.45 6.15 -16.43
C GLN B 177 -11.37 6.39 -17.62
N VAL B 178 -11.51 7.67 -17.99
CA VAL B 178 -12.43 8.10 -19.05
C VAL B 178 -11.78 7.91 -20.42
N THR B 179 -12.48 7.23 -21.32
CA THR B 179 -11.93 6.84 -22.61
C THR B 179 -12.24 7.84 -23.71
N CYS B 180 -13.46 8.38 -23.70
CA CYS B 180 -13.96 9.24 -24.78
C CYS B 180 -15.10 10.12 -24.32
N VAL B 181 -14.98 11.44 -24.56
CA VAL B 181 -16.14 12.35 -24.41
C VAL B 181 -16.51 12.98 -25.74
N ALA B 182 -17.79 13.23 -25.97
CA ALA B 182 -18.26 13.82 -27.24
C ALA B 182 -19.50 14.68 -27.08
N ALA B 183 -19.38 15.98 -27.38
CA ALA B 183 -20.48 16.95 -27.37
C ALA B 183 -21.52 16.60 -28.42
N SER B 184 -22.80 16.80 -28.13
CA SER B 184 -23.82 16.65 -29.17
C SER B 184 -23.64 17.75 -30.24
N PRO B 185 -24.08 17.47 -31.49
CA PRO B 185 -23.94 18.40 -32.61
C PRO B 185 -24.56 19.75 -32.30
N HIS B 186 -25.74 19.74 -31.67
CA HIS B 186 -26.55 20.95 -31.53
C HIS B 186 -26.89 21.44 -30.11
N LYS B 187 -26.86 20.56 -29.12
CA LYS B 187 -27.22 20.96 -27.76
C LYS B 187 -25.99 21.17 -26.90
N ASP B 188 -25.87 22.39 -26.36
CA ASP B 188 -24.68 22.83 -25.66
C ASP B 188 -24.51 22.25 -24.25
N SER B 189 -25.44 21.39 -23.85
CA SER B 189 -25.47 20.85 -22.49
C SER B 189 -25.57 19.33 -22.48
N VAL B 190 -25.63 18.75 -23.68
CA VAL B 190 -25.70 17.30 -23.85
C VAL B 190 -24.39 16.78 -24.47
N PHE B 191 -23.78 15.81 -23.82
CA PHE B 191 -22.60 15.13 -24.33
C PHE B 191 -22.54 13.68 -23.86
N LEU B 192 -21.99 12.82 -24.71
CA LEU B 192 -21.83 11.40 -24.40
C LEU B 192 -20.42 11.15 -23.90
N SER B 193 -20.29 10.37 -22.82
CA SER B 193 -18.96 9.92 -22.35
C SER B 193 -18.94 8.40 -22.12
N CYS B 194 -17.76 7.80 -22.25
CA CYS B 194 -17.63 6.39 -21.92
C CYS B 194 -16.29 6.12 -21.24
N SER B 195 -16.30 5.13 -20.35
CA SER B 195 -15.17 4.84 -19.49
C SER B 195 -14.94 3.34 -19.43
N GLU B 196 -13.84 2.96 -18.79
CA GLU B 196 -13.51 1.55 -18.59
C GLU B 196 -14.29 0.89 -17.45
N ASP B 197 -15.09 1.68 -16.75
CA ASP B 197 -15.99 1.13 -15.74
C ASP B 197 -17.25 0.53 -16.39
N ASN B 198 -17.16 0.31 -17.71
CA ASN B 198 -18.24 -0.24 -18.54
C ASN B 198 -19.51 0.58 -18.74
N ARG B 199 -19.44 1.89 -18.47
CA ARG B 199 -20.59 2.77 -18.64
C ARG B 199 -20.49 3.71 -19.83
N ILE B 200 -21.59 3.78 -20.60
CA ILE B 200 -21.80 4.92 -21.49
C ILE B 200 -22.80 5.86 -20.81
N LEU B 201 -22.41 7.12 -20.65
CA LEU B 201 -23.31 8.09 -20.04
C LEU B 201 -23.80 9.18 -20.99
N LEU B 202 -25.13 9.30 -21.06
CA LEU B 202 -25.77 10.45 -21.67
C LEU B 202 -25.86 11.57 -20.66
N TRP B 203 -25.24 12.70 -20.98
CA TRP B 203 -25.24 13.81 -20.05
C TRP B 203 -26.25 14.83 -20.49
N ASP B 204 -26.64 15.68 -19.56
CA ASP B 204 -27.46 16.85 -19.82
C ASP B 204 -27.36 17.67 -18.57
N THR B 205 -26.45 18.65 -18.59
CA THR B 205 -26.20 19.48 -17.41
C THR B 205 -27.43 20.24 -16.90
N ARG B 206 -28.50 20.28 -17.68
CA ARG B 206 -29.71 20.99 -17.25
C ARG B 206 -30.40 20.31 -16.04
N CYS B 207 -30.27 18.98 -15.95
CA CYS B 207 -30.74 18.18 -14.81
C CYS B 207 -29.93 18.31 -13.52
N PRO B 208 -30.60 18.21 -12.35
CA PRO B 208 -29.91 18.20 -11.06
C PRO B 208 -28.92 17.03 -10.95
N LYS B 209 -29.30 15.86 -11.49
CA LYS B 209 -28.40 14.72 -11.67
C LYS B 209 -28.12 14.52 -13.16
N PRO B 210 -26.98 15.08 -13.65
CA PRO B 210 -26.60 15.28 -15.06
C PRO B 210 -26.52 14.01 -15.90
N ALA B 211 -25.89 12.97 -15.37
CA ALA B 211 -25.64 11.76 -16.15
C ALA B 211 -26.79 10.78 -16.09
N SER B 212 -26.89 9.97 -17.13
CA SER B 212 -27.89 8.93 -17.25
C SER B 212 -27.20 7.79 -17.98
N GLN B 213 -27.41 6.56 -17.52
CA GLN B 213 -26.67 5.43 -18.05
C GLN B 213 -27.41 4.75 -19.19
N ILE B 214 -26.89 4.93 -20.39
CA ILE B 214 -27.53 4.39 -21.59
C ILE B 214 -26.75 3.17 -22.09
N GLY B 215 -27.48 2.17 -22.60
CA GLY B 215 -26.90 0.94 -23.12
C GLY B 215 -27.97 -0.06 -23.53
N CYS B 216 -27.58 -1.10 -24.26
CA CYS B 216 -28.53 -2.12 -24.73
C CYS B 216 -29.15 -2.86 -23.54
N SER B 217 -28.31 -3.11 -22.52
CA SER B 217 -28.68 -3.83 -21.31
C SER B 217 -27.51 -3.86 -20.31
N ALA B 218 -27.34 -5.00 -19.62
CA ALA B 218 -26.25 -5.27 -18.68
C ALA B 218 -24.88 -5.48 -19.43
N PRO B 219 -23.78 -5.82 -18.70
CA PRO B 219 -22.41 -5.73 -19.26
C PRO B 219 -22.17 -6.31 -20.67
N GLY B 220 -21.81 -5.42 -21.61
CA GLY B 220 -21.26 -5.84 -22.89
C GLY B 220 -19.75 -5.77 -22.75
N TYR B 221 -19.04 -5.69 -23.89
CA TYR B 221 -17.61 -5.39 -23.85
C TYR B 221 -17.40 -3.89 -23.63
N LEU B 222 -16.22 -3.52 -23.13
CA LEU B 222 -15.97 -2.14 -22.73
C LEU B 222 -16.11 -1.19 -23.91
N PRO B 223 -16.78 -0.04 -23.69
CA PRO B 223 -16.91 0.99 -24.74
C PRO B 223 -15.62 1.80 -24.91
N THR B 224 -15.18 1.96 -26.14
CA THR B 224 -13.86 2.55 -26.43
C THR B 224 -13.88 3.76 -27.37
N SER B 225 -15.05 4.09 -27.94
CA SER B 225 -15.18 5.19 -28.90
C SER B 225 -16.64 5.57 -29.15
N LEU B 226 -16.88 6.85 -29.44
CA LEU B 226 -18.24 7.39 -29.67
C LEU B 226 -18.32 8.44 -30.78
N ALA B 227 -19.43 8.40 -31.52
CA ALA B 227 -19.77 9.48 -32.46
C ALA B 227 -21.27 9.68 -32.58
N TRP B 228 -21.70 10.92 -32.31
CA TRP B 228 -23.08 11.33 -32.57
C TRP B 228 -23.38 11.33 -34.06
N HIS B 229 -24.64 11.08 -34.42
CA HIS B 229 -25.06 11.21 -35.82
C HIS B 229 -25.11 12.69 -36.14
N PRO B 230 -24.58 13.10 -37.31
CA PRO B 230 -24.51 14.54 -37.56
C PRO B 230 -25.86 15.14 -37.97
N GLN B 231 -26.84 14.11 -38.17
CA GLN B 231 -28.15 14.55 -38.67
C GLN B 231 -29.26 14.46 -37.60
N GLN B 232 -29.23 13.42 -36.55
CA GLN B 232 -30.16 13.41 -35.40
C GLN B 232 -29.38 13.56 -34.11
N SER B 233 -29.69 14.59 -33.34
CA SER B 233 -29.18 14.68 -31.95
C SER B 233 -29.74 13.50 -31.11
N GLU B 234 -30.56 12.65 -31.86
CA GLU B 234 -31.17 11.46 -31.24
C GLU B 234 -30.39 10.14 -31.36
N VAL B 235 -29.47 10.04 -32.33
CA VAL B 235 -28.86 8.71 -32.59
C VAL B 235 -27.31 8.74 -32.59
N PHE B 236 -26.67 7.67 -32.09
CA PHE B 236 -25.21 7.58 -32.08
C PHE B 236 -24.68 6.17 -32.27
N VAL B 237 -23.40 6.08 -32.60
CA VAL B 237 -22.68 4.82 -32.67
C VAL B 237 -21.64 4.74 -31.58
N PHE B 238 -21.46 3.54 -31.02
CA PHE B 238 -20.34 3.28 -30.11
C PHE B 238 -19.53 2.07 -30.55
N GLY B 239 -18.25 2.08 -30.20
CA GLY B 239 -17.34 1.03 -30.57
C GLY B 239 -16.77 0.42 -29.32
N ASP B 240 -16.59 -0.89 -29.32
CA ASP B 240 -16.09 -1.57 -28.14
C ASP B 240 -14.68 -2.13 -28.31
N GLU B 241 -14.12 -2.58 -27.21
CA GLU B 241 -12.78 -3.19 -27.19
C GLU B 241 -12.68 -4.48 -28.00
N ASN B 242 -13.82 -5.08 -28.35
CA ASN B 242 -13.83 -6.34 -29.09
C ASN B 242 -13.95 -6.20 -30.61
N GLY B 243 -14.07 -4.97 -31.09
CA GLY B 243 -14.05 -4.71 -32.53
C GLY B 243 -15.42 -4.51 -33.14
N THR B 244 -16.41 -4.38 -32.27
CA THR B 244 -17.78 -4.21 -32.69
C THR B 244 -18.18 -2.74 -32.70
N VAL B 245 -18.84 -2.32 -33.78
CA VAL B 245 -19.49 -1.02 -33.83
C VAL B 245 -20.98 -1.28 -33.73
N SER B 246 -21.63 -0.51 -32.86
CA SER B 246 -23.07 -0.63 -32.64
C SER B 246 -23.75 0.72 -32.81
N LEU B 247 -25.06 0.68 -33.06
CA LEU B 247 -25.87 1.85 -33.36
C LEU B 247 -26.94 2.00 -32.28
N VAL B 248 -26.93 3.13 -31.60
CA VAL B 248 -27.85 3.34 -30.47
C VAL B 248 -28.79 4.51 -30.69
N ASP B 249 -30.05 4.26 -30.33
CA ASP B 249 -31.12 5.23 -30.27
C ASP B 249 -31.34 5.55 -28.79
N THR B 250 -31.18 6.81 -28.40
CA THR B 250 -31.50 7.20 -27.01
C THR B 250 -33.01 7.15 -26.79
N LYS B 251 -33.73 7.57 -27.83
CA LYS B 251 -35.19 7.58 -27.90
C LYS B 251 -35.83 6.21 -27.66
N SER B 252 -35.05 5.14 -27.85
CA SER B 252 -35.54 3.77 -27.73
C SER B 252 -34.82 2.95 -26.65
N THR B 253 -33.58 3.34 -26.34
CA THR B 253 -32.77 2.74 -25.26
C THR B 253 -32.41 1.24 -25.50
N SER B 254 -32.81 0.71 -26.65
CA SER B 254 -32.45 -0.66 -27.07
C SER B 254 -31.42 -0.64 -28.18
N CYS B 255 -30.59 -1.68 -28.24
CA CYS B 255 -29.51 -1.79 -29.22
C CYS B 255 -30.04 -2.10 -30.63
N VAL B 256 -30.07 -1.06 -31.46
CA VAL B 256 -30.69 -1.08 -32.79
C VAL B 256 -29.99 -2.07 -33.72
N LEU B 257 -28.73 -1.81 -34.03
CA LEU B 257 -27.97 -2.69 -34.90
C LEU B 257 -26.50 -2.65 -34.55
N SER B 258 -25.81 -3.76 -34.79
CA SER B 258 -24.39 -3.89 -34.51
C SER B 258 -23.71 -4.73 -35.58
N SER B 259 -22.39 -4.74 -35.57
CA SER B 259 -21.61 -5.56 -36.49
C SER B 259 -20.18 -5.70 -35.99
N ALA B 260 -19.64 -6.91 -36.14
CA ALA B 260 -18.24 -7.19 -35.84
C ALA B 260 -17.34 -6.68 -36.97
N VAL B 261 -16.95 -5.40 -36.88
CA VAL B 261 -16.19 -4.73 -37.93
C VAL B 261 -14.68 -4.93 -37.79
N HIS B 262 -14.21 -5.10 -36.56
CA HIS B 262 -12.76 -5.20 -36.32
C HIS B 262 -12.29 -6.42 -35.55
N SER B 263 -11.00 -6.72 -35.70
CA SER B 263 -10.33 -7.81 -35.01
C SER B 263 -9.63 -7.34 -33.74
N GLN B 264 -9.62 -6.03 -33.52
CA GLN B 264 -9.08 -5.44 -32.30
C GLN B 264 -10.02 -4.32 -31.89
N CYS B 265 -9.71 -3.63 -30.72
CA CYS B 265 -10.30 -2.38 -30.27
C CYS B 265 -10.70 -1.46 -31.43
N VAL B 266 -11.86 -0.78 -31.26
CA VAL B 266 -12.25 0.26 -32.20
C VAL B 266 -11.93 1.63 -31.60
N THR B 267 -10.85 2.26 -32.04
CA THR B 267 -10.42 3.54 -31.41
C THR B 267 -11.16 4.82 -31.86
N GLY B 268 -11.81 4.78 -33.02
CA GLY B 268 -12.51 5.97 -33.51
C GLY B 268 -13.64 5.76 -34.50
N LEU B 269 -14.61 6.67 -34.46
CA LEU B 269 -15.76 6.66 -35.36
C LEU B 269 -16.01 8.08 -35.93
N VAL B 270 -16.01 8.20 -37.26
CA VAL B 270 -16.18 9.51 -37.90
C VAL B 270 -17.18 9.49 -39.05
N PHE B 271 -18.27 10.24 -38.89
CA PHE B 271 -19.27 10.37 -39.94
C PHE B 271 -18.85 11.32 -41.05
N SER B 272 -19.17 10.95 -42.28
CA SER B 272 -18.88 11.75 -43.47
C SER B 272 -19.78 12.98 -43.52
N PRO B 273 -19.42 13.98 -44.35
CA PRO B 273 -20.28 15.15 -44.49
C PRO B 273 -21.51 14.93 -45.39
N HIS B 274 -21.55 13.79 -46.10
CA HIS B 274 -22.67 13.43 -47.00
C HIS B 274 -24.05 13.52 -46.33
N SER B 275 -25.08 13.80 -47.14
CA SER B 275 -26.44 13.98 -46.65
C SER B 275 -26.92 12.74 -45.90
N VAL B 276 -26.90 11.60 -46.62
CA VAL B 276 -26.92 10.28 -45.98
C VAL B 276 -25.45 9.91 -45.73
N PRO B 277 -24.97 10.08 -44.48
CA PRO B 277 -23.53 10.02 -44.25
C PRO B 277 -22.98 8.59 -44.15
N PHE B 278 -21.68 8.46 -44.43
CA PHE B 278 -20.94 7.23 -44.26
C PHE B 278 -20.20 7.26 -42.93
N LEU B 279 -19.86 6.07 -42.41
CA LEU B 279 -19.13 5.99 -41.16
C LEU B 279 -17.73 5.42 -41.33
N ALA B 280 -16.74 6.25 -41.00
CA ALA B 280 -15.34 5.83 -40.91
C ALA B 280 -15.09 5.15 -39.57
N SER B 281 -14.22 4.13 -39.56
CA SER B 281 -14.02 3.29 -38.38
C SER B 281 -12.58 2.77 -38.25
N LEU B 282 -11.85 3.33 -37.30
CA LEU B 282 -10.43 3.03 -37.14
C LEU B 282 -10.11 2.15 -35.94
N SER B 283 -9.02 1.39 -36.05
CA SER B 283 -8.73 0.35 -35.10
C SER B 283 -7.24 0.03 -34.94
N GLU B 284 -6.95 -0.54 -33.78
CA GLU B 284 -5.64 -1.10 -33.48
C GLU B 284 -5.26 -2.35 -34.30
N ASP B 285 -6.19 -2.87 -35.10
CA ASP B 285 -5.80 -3.88 -36.09
C ASP B 285 -5.18 -3.23 -37.34
N CYS B 286 -4.99 -1.92 -37.27
CA CYS B 286 -4.26 -1.18 -38.31
C CYS B 286 -5.05 -1.06 -39.59
N SER B 287 -6.38 -1.12 -39.49
CA SER B 287 -7.21 -1.03 -40.67
C SER B 287 -8.25 0.08 -40.56
N LEU B 288 -8.67 0.55 -41.73
CA LEU B 288 -9.78 1.49 -41.85
C LEU B 288 -10.94 0.78 -42.51
N ALA B 289 -12.14 1.10 -42.06
CA ALA B 289 -13.37 0.64 -42.69
C ALA B 289 -14.36 1.79 -42.89
N VAL B 290 -15.06 1.76 -44.01
CA VAL B 290 -16.16 2.70 -44.24
C VAL B 290 -17.50 1.93 -44.36
N LEU B 291 -18.46 2.38 -43.55
CA LEU B 291 -19.73 1.68 -43.39
C LEU B 291 -20.89 2.56 -43.82
N ASP B 292 -21.95 1.93 -44.32
CA ASP B 292 -23.14 2.66 -44.70
C ASP B 292 -24.14 2.81 -43.55
N SER B 293 -25.35 3.22 -43.91
CA SER B 293 -26.46 3.46 -42.99
C SER B 293 -26.69 2.28 -42.03
N SER B 294 -26.63 1.06 -42.59
CA SER B 294 -26.98 -0.17 -41.89
C SER B 294 -25.73 -0.92 -41.38
N LEU B 295 -24.59 -0.25 -41.38
CA LEU B 295 -23.30 -0.82 -40.96
C LEU B 295 -22.86 -2.01 -41.82
N SER B 296 -22.87 -1.83 -43.14
CA SER B 296 -22.30 -2.81 -44.05
C SER B 296 -20.99 -2.27 -44.62
N GLU B 297 -20.04 -3.18 -44.86
CA GLU B 297 -18.70 -2.80 -45.30
C GLU B 297 -18.70 -2.38 -46.77
N LEU B 298 -18.24 -1.14 -47.01
CA LEU B 298 -18.16 -0.60 -48.35
C LEU B 298 -16.70 -0.53 -48.82
N PHE B 299 -15.81 -0.29 -47.86
CA PHE B 299 -14.40 -0.09 -48.13
C PHE B 299 -13.59 -0.60 -46.95
N ARG B 300 -12.34 -0.93 -47.19
CA ARG B 300 -11.40 -1.34 -46.14
C ARG B 300 -9.98 -1.06 -46.62
N SER B 301 -9.15 -0.51 -45.75
CA SER B 301 -7.77 -0.21 -46.12
C SER B 301 -6.71 -0.68 -45.13
N GLN B 302 -5.70 -1.37 -45.66
CA GLN B 302 -4.55 -1.81 -44.88
C GLN B 302 -3.36 -0.85 -44.99
N ALA B 303 -3.52 0.24 -45.73
CA ALA B 303 -2.50 1.29 -45.88
C ALA B 303 -1.56 1.49 -44.68
N HIS B 304 -2.13 1.40 -43.48
CA HIS B 304 -1.32 1.50 -42.28
C HIS B 304 -0.67 0.19 -41.83
N ARG B 305 0.55 0.30 -41.34
CA ARG B 305 1.27 -0.87 -40.80
C ARG B 305 1.57 -0.76 -39.29
N ASP B 306 1.00 0.28 -38.66
CA ASP B 306 0.88 0.39 -37.21
C ASP B 306 -0.56 0.85 -36.91
N PHE B 307 -0.87 1.20 -35.66
CA PHE B 307 -2.24 1.64 -35.27
C PHE B 307 -2.74 2.82 -36.10
N VAL B 308 -4.05 2.82 -36.39
CA VAL B 308 -4.75 3.93 -37.07
C VAL B 308 -5.44 4.81 -36.02
N ARG B 309 -5.01 6.07 -35.90
CA ARG B 309 -5.40 6.92 -34.78
C ARG B 309 -6.55 7.91 -35.02
N ASP B 310 -6.69 8.42 -36.24
CA ASP B 310 -7.73 9.40 -36.55
C ASP B 310 -8.20 9.24 -37.99
N ALA B 311 -9.41 9.75 -38.27
CA ALA B 311 -9.88 9.89 -39.63
C ALA B 311 -10.56 11.23 -39.81
N THR B 312 -10.33 11.86 -40.95
CA THR B 312 -10.99 13.12 -41.29
C THR B 312 -11.44 13.15 -42.75
N TRP B 313 -12.71 13.52 -42.98
CA TRP B 313 -13.26 13.69 -44.32
C TRP B 313 -12.95 15.07 -44.88
N SER B 314 -12.52 15.13 -46.13
CA SER B 314 -12.34 16.40 -46.82
C SER B 314 -13.62 17.25 -46.85
N PRO B 315 -13.49 18.55 -46.53
CA PRO B 315 -14.62 19.46 -46.60
C PRO B 315 -14.83 19.85 -48.06
N LEU B 316 -13.73 19.96 -48.80
CA LEU B 316 -13.76 20.35 -50.21
C LEU B 316 -14.18 19.17 -51.10
N ASN B 317 -13.53 18.02 -50.96
CA ASN B 317 -13.95 16.82 -51.69
C ASN B 317 -14.48 15.69 -50.79
N HIS B 318 -15.79 15.48 -50.84
CA HIS B 318 -16.47 14.56 -49.92
C HIS B 318 -16.24 13.07 -50.20
N SER B 319 -15.49 12.74 -51.24
CA SER B 319 -15.10 11.36 -51.44
C SER B 319 -13.66 11.11 -51.03
N LEU B 320 -12.99 12.18 -50.59
CA LEU B 320 -11.65 12.08 -50.02
C LEU B 320 -11.73 11.89 -48.51
N LEU B 321 -10.85 11.03 -47.98
CA LEU B 321 -10.76 10.74 -46.53
C LEU B 321 -9.32 10.56 -46.12
N THR B 322 -8.93 11.23 -45.05
CA THR B 322 -7.55 11.19 -44.61
C THR B 322 -7.40 10.54 -43.24
N THR B 323 -6.39 9.68 -43.12
CA THR B 323 -6.14 8.94 -41.89
C THR B 323 -4.69 9.00 -41.54
N VAL B 324 -4.40 9.03 -40.25
CA VAL B 324 -3.04 8.97 -39.77
C VAL B 324 -2.84 7.81 -38.78
N GLY B 325 -1.63 7.27 -38.74
CA GLY B 325 -1.28 6.23 -37.80
C GLY B 325 0.01 6.45 -37.05
N TRP B 326 0.43 5.42 -36.31
CA TRP B 326 1.70 5.45 -35.58
C TRP B 326 2.85 5.02 -36.48
N ASP B 327 2.51 4.58 -37.68
CA ASP B 327 3.51 4.34 -38.72
C ASP B 327 3.97 5.65 -39.37
N HIS B 328 3.44 6.78 -38.91
CA HIS B 328 3.84 8.11 -39.39
C HIS B 328 3.38 8.40 -40.84
N GLN B 329 2.49 7.55 -41.35
CA GLN B 329 1.82 7.80 -42.62
C GLN B 329 0.64 8.76 -42.46
N VAL B 330 0.52 9.68 -43.41
CA VAL B 330 -0.65 10.54 -43.58
C VAL B 330 -1.25 10.03 -44.87
N VAL B 331 -2.47 9.48 -44.84
CA VAL B 331 -2.98 8.76 -46.02
C VAL B 331 -4.37 9.17 -46.50
N HIS B 332 -4.44 9.50 -47.80
CA HIS B 332 -5.66 10.02 -48.44
C HIS B 332 -6.38 8.95 -49.25
N HIS B 333 -7.60 8.63 -48.82
CA HIS B 333 -8.39 7.56 -49.41
C HIS B 333 -9.48 8.13 -50.34
N VAL B 334 -9.70 7.44 -51.47
CA VAL B 334 -10.83 7.74 -52.35
C VAL B 334 -11.95 6.72 -52.10
N VAL B 335 -13.12 7.21 -51.69
CA VAL B 335 -14.18 6.33 -51.21
C VAL B 335 -15.37 6.20 -52.17
N PRO B 336 -15.61 4.97 -52.66
CA PRO B 336 -16.80 4.68 -53.48
C PRO B 336 -18.10 4.75 -52.68
N SFG C . 19.43 -10.90 39.57
CA SFG C . 20.03 -10.58 38.28
C SFG C . 19.44 -9.31 37.79
O SFG C . 18.22 -9.07 38.05
OXT SFG C . 20.18 -8.55 37.11
CB SFG C . 19.80 -11.65 37.22
CG SFG C . 18.43 -12.31 37.31
CD SFG C . 18.20 -13.19 36.09
NE SFG C . 16.94 -12.78 35.50
C5' SFG C . 18.09 -14.67 36.48
C4' SFG C . 19.39 -15.24 37.05
O4' SFG C . 19.11 -16.43 37.80
C3' SFG C . 20.43 -15.67 36.03
O3' SFG C . 21.70 -15.15 36.41
C2' SFG C . 20.43 -17.19 36.08
O2' SFG C . 21.69 -17.75 35.74
C1' SFG C . 20.05 -17.46 37.52
N9 SFG C . 19.38 -18.78 37.69
C8 SFG C . 18.41 -19.26 36.92
N7 SFG C . 18.00 -20.48 37.34
C5 SFG C . 18.72 -20.80 38.42
C6 SFG C . 18.78 -21.94 39.35
N6 SFG C . 17.96 -23.01 39.18
N1 SFG C . 19.67 -21.91 40.35
C2 SFG C . 20.49 -20.83 40.53
N3 SFG C . 20.48 -19.76 39.72
C4 SFG C . 19.63 -19.67 38.67
CAV 5QL D . 14.98 -9.51 31.53
CAW 5QL D . 15.49 -9.62 32.92
CAX 5QL D . 16.75 -10.20 32.90
CBD 5QL D . 17.67 -9.88 33.91
CBC 5QL D . 18.95 -10.41 33.90
CBB 5QL D . 19.35 -11.29 32.87
CBA 5QL D . 18.43 -11.63 31.86
CAY 5QL D . 17.15 -11.08 31.87
CAZ 5QL D . 16.29 -11.42 30.81
NAU 5QL D . 14.93 -10.87 30.95
CAT 5QL D . 14.31 -10.86 29.61
CAB 5QL D . 14.19 -12.31 29.01
OAA 5QL D . 13.74 -13.23 29.98
CAC 5QL D . 13.27 -12.32 27.76
NAD 5QL D . 13.90 -11.28 26.91
CAE 5QL D . 13.28 -10.15 26.56
OAF 5QL D . 12.11 -9.89 26.85
CAG 5QL D . 14.08 -9.25 25.84
CAH 5QL D . 13.87 -7.87 25.97
CAS 5QL D . 15.14 -9.71 25.02
CAR 5QL D . 15.95 -8.82 24.31
CAQ 5QL D . 15.70 -7.46 24.44
CAI 5QL D . 14.69 -6.97 25.27
NAJ 5QL D . 14.38 -5.67 25.40
CAK 5QL D . 15.26 -4.47 25.57
CAL 5QL D . 14.68 -3.27 24.82
CAM 5QL D . 15.44 -2.03 25.26
OAN 5QL D . 16.84 -2.18 24.98
CAO 5QL D . 17.47 -3.33 25.57
CAP 5QL D . 16.72 -4.63 25.15
C1 GOL E . 13.34 2.55 -1.40
O1 GOL E . 11.91 2.60 -1.23
C2 GOL E . 13.71 3.78 -2.22
O2 GOL E . 12.61 4.11 -3.06
C3 GOL E . 13.99 4.97 -1.30
O3 GOL E . 15.11 5.68 -1.83
C1 GOL F . 5.59 0.25 26.31
O1 GOL F . 4.56 -0.12 25.42
C2 GOL F . 5.06 1.23 27.36
O2 GOL F . 5.45 0.75 28.64
C3 GOL F . 5.62 2.63 27.16
O3 GOL F . 4.85 3.29 26.14
#